data_3S97
#
_entry.id   3S97
#
_cell.length_a   334.108
_cell.length_b   45.957
_cell.length_c   78.947
_cell.angle_alpha   90.00
_cell.angle_beta   101.37
_cell.angle_gamma   90.00
#
_symmetry.space_group_name_H-M   'C 1 2 1'
#
loop_
_entity.id
_entity.type
_entity.pdbx_description
1 polymer 'Receptor-type tyrosine-protein phosphatase zeta'
2 polymer Contactin-1
3 non-polymer 2-acetamido-2-deoxy-beta-D-glucopyranose
4 water water
#
loop_
_entity_poly.entity_id
_entity_poly.type
_entity_poly.pdbx_seq_one_letter_code
_entity_poly.pdbx_strand_id
1 'polypeptide(L)'
;GPGSEEIGWSYTGALNQKNWGKKYPTCNSPKQSPINIDEDLTQVNVNLKKLKFQGWDKTSLENTFIHNTGKTVEINLTND
YRVSGGVSEMVFKASKITFHWGKCNMSSDGSEHSLEGQKFPLEMQIYCFDADRFSSFEEAVKGKGKLRALSILFEVGTEE
NLDFKAIIDGVESVSRFGKQAALDPFILLNLLPNSTDKYYIYNGSLTSPPCTDTVDWIVFKDTVSISESQLAVFCEVLTM
QQSGYVMLMDYLQNNFREQQYKFSRQVFSSYTG
;
A,B
2 'polypeptide(L)'
;GPGSGYLDPFPPEERPEVRVKEGKGMVLLCDPPYHFPDDLSYRWLLNEFPVFITMDKRRFVSQTNGNLYIANVEASDKGN
YSCFVSSPSITKSVFSKFIPLIPIPERTTKPYPADIVVQFKDVYALMGQNVTLECFALGNPVPDIRWRKVLEPMPSTAEI
STSGAVLKIFNIQLEDEGIYECEAENIRGKDKHQARIYVQA
;
C,D
#
# COMPACT_ATOMS: atom_id res chain seq x y z
N ILE A 7 -16.64 12.84 -9.67
CA ILE A 7 -18.03 13.27 -9.47
C ILE A 7 -18.46 13.24 -8.00
N GLY A 8 -18.98 12.11 -7.53
CA GLY A 8 -19.43 11.96 -6.15
C GLY A 8 -19.10 10.62 -5.51
N TRP A 9 -18.01 10.01 -5.96
CA TRP A 9 -17.59 8.70 -5.48
C TRP A 9 -16.09 8.73 -5.21
N SER A 10 -15.48 7.58 -4.96
CA SER A 10 -14.03 7.51 -4.77
C SER A 10 -13.52 6.07 -4.85
N TYR A 11 -12.22 5.92 -5.06
CA TYR A 11 -11.66 4.58 -5.25
C TYR A 11 -11.59 3.85 -3.92
N THR A 12 -10.87 4.43 -2.98
CA THR A 12 -10.98 4.01 -1.59
C THR A 12 -11.32 5.26 -0.78
N GLY A 13 -12.30 5.12 0.10
CA GLY A 13 -12.84 6.26 0.83
C GLY A 13 -14.36 6.17 0.85
N ALA A 14 -15.02 7.30 1.04
CA ALA A 14 -16.48 7.33 1.10
C ALA A 14 -17.08 6.83 -0.21
N LEU A 15 -18.07 5.95 -0.11
CA LEU A 15 -18.61 5.27 -1.28
C LEU A 15 -17.46 4.70 -2.11
N ASN A 16 -16.65 3.84 -1.48
CA ASN A 16 -15.50 3.27 -2.19
C ASN A 16 -15.93 2.37 -3.34
N GLN A 17 -14.96 1.86 -4.10
CA GLN A 17 -15.26 1.19 -5.36
C GLN A 17 -16.07 -0.09 -5.20
N LYS A 18 -16.07 -0.65 -3.99
CA LYS A 18 -16.86 -1.85 -3.72
C LYS A 18 -18.34 -1.51 -3.54
N ASN A 19 -18.62 -0.25 -3.25
CA ASN A 19 -19.98 0.20 -2.98
C ASN A 19 -20.65 0.87 -4.16
N TRP A 20 -19.89 1.17 -5.21
CA TRP A 20 -20.44 1.91 -6.34
C TRP A 20 -21.80 1.36 -6.76
N GLY A 21 -21.95 0.05 -6.71
CA GLY A 21 -23.20 -0.58 -7.15
C GLY A 21 -24.45 -0.06 -6.46
N LYS A 22 -24.28 0.54 -5.28
CA LYS A 22 -25.40 1.06 -4.52
C LYS A 22 -26.04 2.27 -5.19
N LYS A 23 -25.22 3.16 -5.77
CA LYS A 23 -25.75 4.32 -6.50
C LYS A 23 -25.79 4.04 -7.99
N TYR A 24 -24.90 3.15 -8.43
CA TYR A 24 -24.75 2.84 -9.85
C TYR A 24 -24.77 1.33 -10.07
N PRO A 25 -25.96 0.77 -10.34
CA PRO A 25 -26.16 -0.68 -10.40
C PRO A 25 -25.31 -1.34 -11.48
N THR A 26 -25.21 -0.70 -12.64
CA THR A 26 -24.45 -1.25 -13.76
C THR A 26 -23.02 -1.62 -13.36
N CYS A 27 -22.50 -0.94 -12.34
CA CYS A 27 -21.16 -1.22 -11.84
C CYS A 27 -21.06 -2.64 -11.30
N ASN A 28 -22.19 -3.33 -11.20
CA ASN A 28 -22.22 -4.70 -10.69
C ASN A 28 -22.49 -5.74 -11.76
N SER A 29 -22.69 -5.30 -13.00
CA SER A 29 -23.00 -6.20 -14.10
C SER A 29 -21.86 -7.20 -14.30
N PRO A 30 -22.12 -8.29 -15.04
CA PRO A 30 -21.10 -9.30 -15.33
C PRO A 30 -20.15 -8.86 -16.43
N LYS A 31 -20.26 -7.62 -16.91
CA LYS A 31 -19.45 -7.15 -18.03
C LYS A 31 -18.56 -5.96 -17.67
N GLN A 32 -17.95 -6.00 -16.48
CA GLN A 32 -17.18 -4.87 -15.99
C GLN A 32 -15.71 -4.95 -16.37
N SER A 33 -15.09 -3.79 -16.56
CA SER A 33 -13.66 -3.70 -16.77
C SER A 33 -13.09 -3.02 -15.53
N PRO A 34 -11.77 -3.11 -15.30
CA PRO A 34 -10.76 -3.74 -16.15
C PRO A 34 -10.67 -5.22 -15.86
N ILE A 35 -9.88 -5.94 -16.66
CA ILE A 35 -9.63 -7.34 -16.42
C ILE A 35 -8.16 -7.62 -16.65
N ASN A 36 -7.70 -8.76 -16.15
CA ASN A 36 -6.41 -9.29 -16.57
C ASN A 36 -6.58 -10.10 -17.86
N ILE A 37 -5.59 -10.02 -18.74
CA ILE A 37 -5.62 -10.81 -19.96
C ILE A 37 -4.35 -11.65 -20.06
N ASP A 38 -4.51 -12.97 -20.19
CA ASP A 38 -3.38 -13.84 -20.47
C ASP A 38 -3.51 -14.25 -21.92
N GLU A 39 -2.44 -14.14 -22.67
CA GLU A 39 -2.51 -14.45 -24.09
C GLU A 39 -3.12 -15.82 -24.37
N ASP A 40 -2.58 -16.86 -23.73
CA ASP A 40 -2.98 -18.22 -24.05
C ASP A 40 -4.41 -18.58 -23.65
N LEU A 41 -5.08 -17.67 -22.94
CA LEU A 41 -6.48 -17.87 -22.59
C LEU A 41 -7.42 -17.11 -23.54
N THR A 42 -6.82 -16.34 -24.45
CA THR A 42 -7.59 -15.64 -25.45
C THR A 42 -7.82 -16.53 -26.67
N GLN A 43 -8.81 -16.16 -27.46
CA GLN A 43 -9.05 -16.86 -28.72
C GLN A 43 -8.38 -16.09 -29.84
N VAL A 44 -7.36 -16.69 -30.45
CA VAL A 44 -6.75 -16.10 -31.62
C VAL A 44 -7.79 -15.99 -32.72
N ASN A 45 -7.97 -14.79 -33.23
CA ASN A 45 -9.03 -14.52 -34.18
C ASN A 45 -8.42 -13.84 -35.38
N VAL A 46 -8.08 -14.62 -36.40
CA VAL A 46 -7.40 -14.09 -37.57
C VAL A 46 -8.36 -13.36 -38.48
N ASN A 47 -9.65 -13.43 -38.18
CA ASN A 47 -10.66 -12.70 -38.93
C ASN A 47 -10.94 -11.30 -38.41
N LEU A 48 -10.16 -10.89 -37.41
CA LEU A 48 -10.23 -9.53 -36.91
C LEU A 48 -9.86 -8.56 -38.03
N LYS A 49 -10.61 -7.47 -38.14
CA LYS A 49 -10.33 -6.44 -39.11
C LYS A 49 -9.17 -5.57 -38.62
N LYS A 50 -8.22 -5.31 -39.50
CA LYS A 50 -7.07 -4.48 -39.17
C LYS A 50 -7.54 -3.11 -38.66
N LEU A 51 -6.93 -2.64 -37.57
CA LEU A 51 -7.19 -1.30 -37.07
C LEU A 51 -6.90 -0.30 -38.17
N LYS A 52 -7.71 0.76 -38.23
CA LYS A 52 -7.59 1.81 -39.24
C LYS A 52 -7.79 3.17 -38.54
N PHE A 53 -6.73 3.97 -38.48
CA PHE A 53 -6.81 5.28 -37.84
C PHE A 53 -6.89 6.44 -38.85
N GLN A 54 -7.99 7.18 -38.83
CA GLN A 54 -8.12 8.35 -39.69
C GLN A 54 -7.91 9.63 -38.90
N GLY A 55 -6.94 10.43 -39.32
CA GLY A 55 -6.74 11.76 -38.76
C GLY A 55 -5.76 11.79 -37.61
N TRP A 56 -5.37 10.61 -37.14
CA TRP A 56 -4.53 10.48 -35.96
C TRP A 56 -3.10 10.96 -36.15
N ASP A 57 -2.63 10.98 -37.40
CA ASP A 57 -1.29 11.46 -37.72
C ASP A 57 -1.22 12.99 -37.82
N LYS A 58 -2.38 13.63 -37.93
CA LYS A 58 -2.43 15.10 -38.01
C LYS A 58 -2.19 15.73 -36.64
N THR A 59 -1.62 16.93 -36.63
CA THR A 59 -1.32 17.60 -35.38
C THR A 59 -2.61 17.96 -34.66
N SER A 60 -2.55 18.04 -33.33
CA SER A 60 -3.70 18.44 -32.52
C SER A 60 -4.12 19.87 -32.79
N LEU A 61 -5.43 20.12 -32.76
CA LEU A 61 -5.95 21.49 -32.88
C LEU A 61 -5.63 22.29 -31.63
N GLU A 62 -5.60 23.61 -31.76
CA GLU A 62 -5.09 24.50 -30.72
C GLU A 62 -5.98 24.60 -29.48
N ASN A 63 -7.24 24.19 -29.61
CA ASN A 63 -8.19 24.30 -28.52
C ASN A 63 -8.37 22.97 -27.80
N THR A 64 -7.29 22.18 -27.76
CA THR A 64 -7.35 20.88 -27.09
C THR A 64 -6.93 21.01 -25.62
N PHE A 65 -7.90 20.85 -24.72
CA PHE A 65 -7.65 21.06 -23.30
C PHE A 65 -7.43 19.78 -22.50
N ILE A 66 -6.62 19.92 -21.46
CA ILE A 66 -6.47 18.88 -20.46
C ILE A 66 -6.99 19.44 -19.14
N HIS A 67 -7.71 18.62 -18.38
CA HIS A 67 -8.44 19.11 -17.22
C HIS A 67 -8.17 18.16 -16.08
N ASN A 68 -7.77 18.68 -14.93
CA ASN A 68 -7.61 17.86 -13.74
C ASN A 68 -8.96 17.75 -13.05
N THR A 69 -9.60 16.60 -13.18
CA THR A 69 -10.94 16.41 -12.62
C THR A 69 -10.93 15.99 -11.15
N GLY A 70 -9.74 15.76 -10.61
CA GLY A 70 -9.66 15.23 -9.25
C GLY A 70 -9.71 13.69 -9.20
N LYS A 71 -10.17 13.05 -10.29
CA LYS A 71 -10.15 11.59 -10.41
C LYS A 71 -9.08 11.14 -11.40
N THR A 72 -8.83 11.96 -12.40
CA THR A 72 -7.75 11.70 -13.33
C THR A 72 -7.39 13.04 -13.98
N VAL A 73 -6.47 13.02 -14.93
CA VAL A 73 -6.31 14.15 -15.82
C VAL A 73 -6.87 13.75 -17.18
N GLU A 74 -7.79 14.56 -17.69
CA GLU A 74 -8.62 14.19 -18.83
C GLU A 74 -8.40 15.13 -19.99
N ILE A 75 -8.15 14.58 -21.17
CA ILE A 75 -7.95 15.38 -22.37
C ILE A 75 -9.17 15.27 -23.25
N ASN A 76 -9.77 16.42 -23.57
CA ASN A 76 -10.91 16.47 -24.47
C ASN A 76 -10.46 16.80 -25.88
N LEU A 77 -10.36 15.78 -26.72
CA LEU A 77 -9.88 15.94 -28.09
C LEU A 77 -10.84 16.79 -28.96
N THR A 78 -10.27 17.40 -30.00
CA THR A 78 -11.04 18.27 -30.89
C THR A 78 -10.97 17.83 -32.35
N ASN A 79 -9.78 17.43 -32.81
CA ASN A 79 -9.65 16.89 -34.17
C ASN A 79 -10.76 15.88 -34.46
N ASP A 80 -11.06 15.67 -35.72
CA ASP A 80 -11.97 14.61 -36.11
C ASP A 80 -11.18 13.30 -36.19
N TYR A 81 -10.84 12.74 -35.03
CA TYR A 81 -10.10 11.48 -34.99
C TYR A 81 -11.05 10.31 -35.17
N ARG A 82 -10.70 9.37 -36.04
CA ARG A 82 -11.57 8.22 -36.29
C ARG A 82 -10.81 6.91 -36.18
N VAL A 83 -11.53 5.84 -35.84
CA VAL A 83 -10.89 4.55 -35.70
C VAL A 83 -11.90 3.42 -35.98
N SER A 84 -11.44 2.43 -36.73
CA SER A 84 -12.27 1.31 -37.11
C SER A 84 -11.39 0.09 -36.99
N GLY A 85 -12.00 -1.09 -37.02
CA GLY A 85 -11.24 -2.32 -36.97
C GLY A 85 -11.64 -3.19 -35.80
N GLY A 86 -10.96 -4.32 -35.66
CA GLY A 86 -11.33 -5.31 -34.66
C GLY A 86 -12.45 -6.18 -35.18
N VAL A 87 -13.48 -6.37 -34.36
CA VAL A 87 -14.62 -7.21 -34.73
C VAL A 87 -15.30 -6.77 -36.03
N SER A 88 -15.57 -5.47 -36.13
CA SER A 88 -16.22 -4.91 -37.31
C SER A 88 -15.43 -3.71 -37.82
N GLU A 89 -15.81 -3.19 -38.97
CA GLU A 89 -15.18 -1.99 -39.49
C GLU A 89 -15.99 -0.76 -39.17
N MET A 90 -16.85 -0.88 -38.17
CA MET A 90 -17.64 0.26 -37.70
C MET A 90 -16.72 1.41 -37.30
N VAL A 91 -17.08 2.62 -37.71
CA VAL A 91 -16.23 3.77 -37.43
C VAL A 91 -16.62 4.54 -36.17
N PHE A 92 -15.63 4.77 -35.31
CA PHE A 92 -15.86 5.47 -34.06
C PHE A 92 -15.05 6.75 -34.06
N LYS A 93 -15.50 7.70 -33.25
CA LYS A 93 -14.82 8.98 -33.12
C LYS A 93 -14.16 9.08 -31.75
N ALA A 94 -12.84 9.24 -31.74
CA ALA A 94 -12.08 9.41 -30.51
C ALA A 94 -12.29 10.82 -29.97
N SER A 95 -12.57 10.96 -28.67
CA SER A 95 -12.90 12.26 -28.12
C SER A 95 -12.38 12.55 -26.70
N LYS A 96 -12.04 11.51 -25.96
CA LYS A 96 -11.54 11.71 -24.60
C LYS A 96 -10.37 10.81 -24.28
N ILE A 97 -9.36 11.39 -23.63
CA ILE A 97 -8.26 10.59 -23.10
C ILE A 97 -8.19 10.74 -21.58
N THR A 98 -7.99 9.63 -20.88
CA THR A 98 -7.78 9.65 -19.43
C THR A 98 -6.55 8.84 -19.05
N PHE A 99 -6.13 8.94 -17.78
CA PHE A 99 -4.93 8.25 -17.31
C PHE A 99 -5.15 7.61 -15.96
N HIS A 100 -4.50 6.49 -15.73
CA HIS A 100 -4.58 5.86 -14.42
C HIS A 100 -3.20 5.45 -13.99
N TRP A 101 -2.88 5.72 -12.73
CA TRP A 101 -1.54 5.49 -12.22
C TRP A 101 -1.54 5.09 -10.74
N GLY A 102 -0.36 4.80 -10.20
CA GLY A 102 -0.25 4.31 -8.85
C GLY A 102 0.48 5.32 -7.99
N LYS A 103 1.76 5.06 -7.73
CA LYS A 103 2.59 5.99 -6.97
C LYS A 103 3.80 6.37 -7.81
N CYS A 104 3.71 6.10 -9.12
CA CYS A 104 4.71 6.57 -10.06
C CYS A 104 6.11 6.00 -9.80
N ASN A 105 6.19 4.67 -9.71
CA ASN A 105 7.49 4.00 -9.68
C ASN A 105 7.54 2.86 -10.68
N MET A 106 8.73 2.56 -11.19
CA MET A 106 8.88 1.51 -12.21
C MET A 106 8.26 0.18 -11.76
N SER A 107 8.62 -0.27 -10.57
CA SER A 107 8.07 -1.50 -10.00
C SER A 107 6.58 -1.35 -9.67
N SER A 108 6.20 -0.10 -9.39
CA SER A 108 4.81 0.24 -9.07
C SER A 108 3.80 -0.43 -10.03
N ASP A 109 2.60 -0.64 -9.50
CA ASP A 109 1.43 -0.87 -10.32
C ASP A 109 0.87 0.50 -10.70
N GLY A 110 -0.44 0.58 -10.88
CA GLY A 110 -1.05 1.82 -11.29
C GLY A 110 -2.08 1.66 -12.40
N SER A 111 -1.81 0.75 -13.34
CA SER A 111 -2.68 0.53 -14.47
C SER A 111 -3.91 -0.23 -14.04
N GLU A 112 -4.94 -0.24 -14.88
CA GLU A 112 -6.18 -0.93 -14.56
C GLU A 112 -6.19 -2.33 -15.15
N HIS A 113 -5.92 -2.41 -16.45
CA HIS A 113 -5.74 -3.68 -17.10
C HIS A 113 -4.36 -4.24 -16.76
N SER A 114 -4.18 -5.54 -16.97
CA SER A 114 -2.88 -6.17 -16.79
C SER A 114 -2.72 -7.28 -17.83
N LEU A 115 -1.47 -7.57 -18.17
CA LEU A 115 -1.16 -8.59 -19.15
C LEU A 115 -0.28 -9.67 -18.51
N GLU A 116 -0.73 -10.91 -18.58
CA GLU A 116 -0.04 -12.03 -17.92
C GLU A 116 0.07 -11.79 -16.42
N GLY A 117 -0.85 -11.00 -15.88
CA GLY A 117 -0.85 -10.65 -14.48
C GLY A 117 0.07 -9.49 -14.10
N GLN A 118 0.81 -8.96 -15.08
CA GLN A 118 1.69 -7.84 -14.81
C GLN A 118 0.93 -6.52 -14.83
N LYS A 119 1.13 -5.71 -13.80
CA LYS A 119 0.59 -4.34 -13.77
C LYS A 119 1.68 -3.38 -14.17
N PHE A 120 1.28 -2.28 -14.81
CA PHE A 120 2.23 -1.27 -15.26
C PHE A 120 2.02 0.05 -14.50
N PRO A 121 3.02 0.94 -14.55
CA PRO A 121 2.99 2.16 -13.76
C PRO A 121 1.89 3.13 -14.21
N LEU A 122 1.52 3.05 -15.48
CA LEU A 122 0.60 4.03 -16.08
C LEU A 122 -0.23 3.41 -17.20
N GLU A 123 -1.53 3.70 -17.19
CA GLU A 123 -2.37 3.35 -18.31
C GLU A 123 -3.10 4.57 -18.84
N MET A 124 -3.06 4.71 -20.17
CA MET A 124 -3.80 5.74 -20.87
C MET A 124 -4.97 5.08 -21.57
N GLN A 125 -6.11 5.76 -21.58
CA GLN A 125 -7.30 5.21 -22.19
C GLN A 125 -7.93 6.23 -23.12
N ILE A 126 -8.15 5.84 -24.36
CA ILE A 126 -8.79 6.71 -25.35
C ILE A 126 -10.22 6.25 -25.58
N TYR A 127 -11.18 7.12 -25.27
CA TYR A 127 -12.60 6.78 -25.37
C TYR A 127 -13.30 7.32 -26.64
N CYS A 128 -14.12 6.47 -27.26
CA CYS A 128 -14.69 6.76 -28.57
C CYS A 128 -16.19 6.44 -28.62
N PHE A 129 -16.89 7.06 -29.56
CA PHE A 129 -18.33 6.84 -29.70
C PHE A 129 -18.75 6.92 -31.18
N ASP A 130 -20.00 6.60 -31.45
CA ASP A 130 -20.54 6.69 -32.81
C ASP A 130 -21.07 8.09 -33.10
N ALA A 131 -20.31 8.87 -33.87
CA ALA A 131 -20.69 10.25 -34.18
C ALA A 131 -21.97 10.34 -34.98
N ASP A 132 -22.46 9.20 -35.46
CA ASP A 132 -23.69 9.17 -36.27
C ASP A 132 -24.95 9.03 -35.43
N ARG A 133 -24.83 8.52 -34.21
CA ARG A 133 -25.98 8.36 -33.33
C ARG A 133 -25.98 9.36 -32.19
N PHE A 134 -24.84 10.02 -31.96
CA PHE A 134 -24.72 10.95 -30.85
C PHE A 134 -23.93 12.19 -31.17
N SER A 135 -24.27 13.29 -30.49
CA SER A 135 -23.64 14.57 -30.72
C SER A 135 -22.31 14.64 -30.00
N SER A 136 -22.13 13.75 -29.04
CA SER A 136 -20.94 13.76 -28.21
C SER A 136 -20.76 12.44 -27.51
N PHE A 137 -19.64 12.28 -26.83
CA PHE A 137 -19.35 11.09 -26.05
C PHE A 137 -20.27 11.01 -24.80
N GLU A 138 -20.43 12.14 -24.11
CA GLU A 138 -21.31 12.23 -22.94
C GLU A 138 -22.72 11.75 -23.24
N GLU A 139 -23.25 12.16 -24.39
CA GLU A 139 -24.58 11.74 -24.81
C GLU A 139 -24.57 10.25 -25.11
N ALA A 140 -23.51 9.80 -25.77
CA ALA A 140 -23.39 8.41 -26.12
C ALA A 140 -23.40 7.57 -24.83
N VAL A 141 -22.73 8.08 -23.80
CA VAL A 141 -22.74 7.38 -22.52
C VAL A 141 -24.16 7.36 -21.97
N LYS A 142 -24.77 8.55 -21.88
CA LYS A 142 -26.09 8.69 -21.31
C LYS A 142 -27.08 7.74 -21.99
N GLY A 143 -26.87 7.47 -23.27
CA GLY A 143 -27.79 6.66 -24.03
C GLY A 143 -27.42 5.19 -24.21
N LYS A 144 -26.33 4.78 -23.58
CA LYS A 144 -25.87 3.38 -23.67
C LYS A 144 -25.61 2.99 -25.11
N GLY A 145 -25.05 3.91 -25.89
CA GLY A 145 -24.70 3.59 -27.26
C GLY A 145 -23.52 2.64 -27.27
N LYS A 146 -23.14 2.16 -28.45
CA LYS A 146 -21.91 1.38 -28.57
C LYS A 146 -20.75 2.31 -28.27
N LEU A 147 -19.88 1.90 -27.36
CA LEU A 147 -18.70 2.69 -27.08
C LEU A 147 -17.47 1.88 -27.43
N ARG A 148 -16.34 2.56 -27.57
CA ARG A 148 -15.08 1.89 -27.86
C ARG A 148 -13.95 2.57 -27.10
N ALA A 149 -13.09 1.75 -26.50
CA ALA A 149 -12.00 2.26 -25.69
C ALA A 149 -10.70 1.55 -26.02
N LEU A 150 -9.63 2.31 -26.18
CA LEU A 150 -8.33 1.71 -26.44
C LEU A 150 -7.47 1.92 -25.22
N SER A 151 -6.80 0.86 -24.79
CA SER A 151 -5.97 0.92 -23.61
C SER A 151 -4.50 0.82 -24.00
N ILE A 152 -3.72 1.80 -23.59
CA ILE A 152 -2.29 1.82 -23.85
C ILE A 152 -1.56 1.75 -22.53
N LEU A 153 -0.66 0.77 -22.40
CA LEU A 153 0.06 0.49 -21.17
C LEU A 153 1.48 1.03 -21.27
N PHE A 154 2.10 1.34 -20.14
CA PHE A 154 3.39 2.03 -20.15
C PHE A 154 4.45 1.32 -19.31
N GLU A 155 5.69 1.41 -19.77
CA GLU A 155 6.83 0.98 -18.98
C GLU A 155 7.85 2.09 -18.92
N VAL A 156 8.47 2.28 -17.76
CA VAL A 156 9.54 3.25 -17.62
C VAL A 156 10.79 2.85 -18.38
N GLY A 157 11.23 3.72 -19.29
CA GLY A 157 12.47 3.53 -20.02
C GLY A 157 13.54 4.44 -19.44
N THR A 158 14.49 4.84 -20.28
CA THR A 158 15.57 5.70 -19.82
C THR A 158 15.38 7.14 -20.30
N GLU A 159 15.40 7.32 -21.61
CA GLU A 159 15.31 8.65 -22.20
C GLU A 159 13.87 9.15 -22.19
N GLU A 160 13.72 10.48 -22.13
CA GLU A 160 12.40 11.09 -22.20
C GLU A 160 11.77 10.74 -23.53
N ASN A 161 10.50 10.34 -23.51
CA ASN A 161 9.76 10.12 -24.74
C ASN A 161 9.16 11.42 -25.28
N LEU A 162 9.80 11.97 -26.30
CA LEU A 162 9.47 13.30 -26.81
C LEU A 162 8.09 13.37 -27.45
N ASP A 163 7.56 12.24 -27.87
CA ASP A 163 6.23 12.23 -28.45
C ASP A 163 5.20 12.55 -27.37
N PHE A 164 5.60 12.39 -26.11
CA PHE A 164 4.75 12.71 -24.95
C PHE A 164 5.08 14.04 -24.27
N LYS A 165 6.07 14.78 -24.76
CA LYS A 165 6.43 16.02 -24.07
C LYS A 165 5.23 16.94 -23.85
N ALA A 166 4.42 17.13 -24.89
CA ALA A 166 3.28 18.05 -24.78
C ALA A 166 2.26 17.57 -23.75
N ILE A 167 2.09 16.26 -23.67
CA ILE A 167 1.16 15.65 -22.74
C ILE A 167 1.62 15.84 -21.30
N ILE A 168 2.92 15.62 -21.08
CA ILE A 168 3.48 15.67 -19.73
C ILE A 168 3.48 17.10 -19.20
N ASP A 169 3.93 18.03 -20.04
CA ASP A 169 3.93 19.45 -19.68
C ASP A 169 2.51 19.85 -19.32
N GLY A 170 1.55 19.35 -20.09
CA GLY A 170 0.15 19.60 -19.80
C GLY A 170 -0.20 19.10 -18.41
N VAL A 171 0.18 17.85 -18.11
CA VAL A 171 -0.15 17.24 -16.82
C VAL A 171 0.42 18.07 -15.68
N GLU A 172 1.66 18.51 -15.81
CA GLU A 172 2.25 19.47 -14.90
C GLU A 172 1.38 20.70 -14.71
N SER A 173 0.97 21.29 -15.82
CA SER A 173 0.31 22.59 -15.79
C SER A 173 -1.11 22.50 -15.21
N VAL A 174 -1.62 21.28 -15.03
CA VAL A 174 -2.91 21.13 -14.34
C VAL A 174 -2.74 20.35 -13.04
N SER A 175 -1.56 20.49 -12.45
CA SER A 175 -1.29 19.91 -11.15
C SER A 175 -2.36 20.32 -10.15
N ARG A 176 -2.69 21.61 -10.11
CA ARG A 176 -3.65 22.09 -9.12
C ARG A 176 -5.06 21.60 -9.44
N PHE A 177 -5.83 21.33 -8.40
CA PHE A 177 -7.13 20.73 -8.56
C PHE A 177 -8.06 21.55 -9.42
N GLY A 178 -8.73 20.89 -10.37
CA GLY A 178 -9.71 21.54 -11.22
C GLY A 178 -9.10 22.36 -12.34
N LYS A 179 -7.79 22.54 -12.31
CA LYS A 179 -7.10 23.32 -13.33
C LYS A 179 -7.32 22.79 -14.76
N GLN A 180 -7.47 23.71 -15.70
CA GLN A 180 -7.59 23.42 -17.12
C GLN A 180 -6.49 24.13 -17.91
N ALA A 181 -5.97 23.50 -18.94
CA ALA A 181 -4.97 24.17 -19.76
C ALA A 181 -4.85 23.60 -21.16
N ALA A 182 -4.54 24.46 -22.12
CA ALA A 182 -4.41 24.07 -23.50
C ALA A 182 -3.11 23.29 -23.69
N LEU A 183 -3.20 22.19 -24.43
CA LEU A 183 -2.03 21.40 -24.77
C LEU A 183 -1.29 21.98 -25.96
N ASP A 184 0.03 21.94 -25.89
CA ASP A 184 0.84 22.20 -27.06
C ASP A 184 0.53 21.13 -28.12
N PRO A 185 0.86 21.41 -29.38
CA PRO A 185 0.63 20.45 -30.47
C PRO A 185 1.24 19.08 -30.21
N PHE A 186 0.47 18.03 -30.51
CA PHE A 186 0.93 16.65 -30.36
C PHE A 186 0.26 15.78 -31.43
N ILE A 187 0.92 14.70 -31.82
CA ILE A 187 0.34 13.80 -32.82
C ILE A 187 -0.26 12.57 -32.14
N LEU A 188 -1.59 12.51 -32.11
CA LEU A 188 -2.30 11.46 -31.38
C LEU A 188 -1.76 10.05 -31.66
N LEU A 189 -1.60 9.73 -32.93
CA LEU A 189 -1.12 8.41 -33.33
C LEU A 189 0.27 8.09 -32.77
N ASN A 190 1.04 9.13 -32.41
CA ASN A 190 2.38 8.95 -31.83
C ASN A 190 2.35 8.67 -30.31
N LEU A 191 1.16 8.69 -29.73
CA LEU A 191 0.99 8.35 -28.33
C LEU A 191 0.72 6.85 -28.18
N LEU A 192 0.55 6.15 -29.30
CA LEU A 192 0.33 4.70 -29.28
C LEU A 192 1.65 3.95 -29.38
N PRO A 193 1.65 2.64 -29.06
CA PRO A 193 2.86 1.83 -29.20
C PRO A 193 3.32 1.80 -30.66
N ASN A 194 4.62 1.75 -30.87
CA ASN A 194 5.18 1.74 -32.22
C ASN A 194 4.49 0.78 -33.19
N SER A 195 4.14 -0.41 -32.71
CA SER A 195 3.30 -1.31 -33.49
C SER A 195 1.99 -1.54 -32.78
N THR A 196 0.89 -1.44 -33.52
CA THR A 196 -0.43 -1.59 -32.97
C THR A 196 -1.11 -2.88 -33.41
N ASP A 197 -0.38 -3.73 -34.13
CA ASP A 197 -0.98 -4.89 -34.79
C ASP A 197 -1.42 -5.89 -33.76
N LYS A 198 -0.59 -6.08 -32.74
CA LYS A 198 -0.91 -7.02 -31.71
C LYS A 198 -1.76 -6.36 -30.64
N TYR A 199 -3.02 -6.77 -30.56
CA TYR A 199 -3.90 -6.26 -29.53
C TYR A 199 -4.89 -7.30 -29.05
N TYR A 200 -5.51 -7.04 -27.90
CA TYR A 200 -6.60 -7.87 -27.45
C TYR A 200 -7.86 -7.07 -27.56
N ILE A 201 -8.99 -7.75 -27.66
CA ILE A 201 -10.26 -7.05 -27.72
C ILE A 201 -11.27 -7.88 -26.94
N TYR A 202 -12.06 -7.19 -26.11
CA TYR A 202 -13.10 -7.86 -25.35
C TYR A 202 -14.22 -6.87 -25.05
N ASN A 203 -15.39 -7.40 -24.68
CA ASN A 203 -16.52 -6.54 -24.34
C ASN A 203 -16.52 -6.20 -22.86
N GLY A 204 -16.40 -4.92 -22.54
CA GLY A 204 -16.36 -4.50 -21.16
C GLY A 204 -17.21 -3.28 -20.86
N SER A 205 -16.67 -2.38 -20.02
CA SER A 205 -17.41 -1.26 -19.49
C SER A 205 -16.47 -0.15 -19.11
N LEU A 206 -17.02 1.04 -18.87
CA LEU A 206 -16.27 2.11 -18.23
C LEU A 206 -15.78 1.63 -16.87
N THR A 207 -14.61 2.12 -16.46
CA THR A 207 -13.99 1.66 -15.24
C THR A 207 -14.19 2.62 -14.08
N SER A 208 -15.26 3.41 -14.13
CA SER A 208 -15.70 4.16 -12.95
C SER A 208 -17.14 4.55 -13.19
N PRO A 209 -17.85 4.95 -12.13
CA PRO A 209 -19.27 5.26 -12.36
C PRO A 209 -19.49 6.19 -13.54
N PRO A 210 -20.54 5.95 -14.34
CA PRO A 210 -21.58 4.94 -14.09
C PRO A 210 -21.31 3.53 -14.66
N CYS A 211 -20.06 3.20 -14.93
CA CYS A 211 -19.69 1.85 -15.35
C CYS A 211 -20.49 1.30 -16.53
N THR A 212 -20.97 2.21 -17.38
CA THR A 212 -21.72 1.84 -18.57
C THR A 212 -21.17 0.58 -19.24
N ASP A 213 -22.09 -0.31 -19.57
CA ASP A 213 -21.83 -1.73 -19.86
C ASP A 213 -21.46 -2.06 -21.31
N THR A 214 -21.10 -1.06 -22.11
CA THR A 214 -21.08 -1.23 -23.57
C THR A 214 -19.80 -0.79 -24.24
N VAL A 215 -18.67 -1.02 -23.57
CA VAL A 215 -17.38 -0.64 -24.11
C VAL A 215 -16.73 -1.83 -24.80
N ASP A 216 -16.43 -1.68 -26.09
CA ASP A 216 -15.53 -2.62 -26.74
C ASP A 216 -14.11 -2.15 -26.47
N TRP A 217 -13.38 -2.93 -25.69
CA TRP A 217 -12.03 -2.58 -25.32
C TRP A 217 -11.03 -3.15 -26.30
N ILE A 218 -10.13 -2.30 -26.75
CA ILE A 218 -8.96 -2.74 -27.47
C ILE A 218 -7.78 -2.48 -26.55
N VAL A 219 -7.07 -3.53 -26.18
CA VAL A 219 -5.92 -3.38 -25.31
C VAL A 219 -4.68 -3.75 -26.11
N PHE A 220 -3.72 -2.84 -26.16
CA PHE A 220 -2.51 -3.10 -26.93
C PHE A 220 -1.49 -3.94 -26.18
N LYS A 221 -0.85 -4.87 -26.89
CA LYS A 221 0.07 -5.80 -26.23
C LYS A 221 1.45 -5.17 -26.04
N ASP A 222 1.82 -4.27 -26.93
CA ASP A 222 3.10 -3.59 -26.78
C ASP A 222 2.95 -2.31 -25.95
N THR A 223 3.84 -2.14 -24.98
CA THR A 223 3.79 -1.00 -24.10
C THR A 223 4.40 0.23 -24.79
N VAL A 224 4.16 1.40 -24.21
CA VAL A 224 4.83 2.62 -24.65
C VAL A 224 5.82 3.01 -23.58
N SER A 225 6.94 3.57 -24.00
CA SER A 225 7.97 3.91 -23.04
C SER A 225 7.95 5.40 -22.72
N ILE A 226 8.09 5.72 -21.44
CA ILE A 226 8.29 7.09 -20.99
C ILE A 226 9.38 7.05 -19.93
N SER A 227 9.90 8.20 -19.54
CA SER A 227 10.99 8.23 -18.56
C SER A 227 10.46 8.39 -17.16
N GLU A 228 11.35 8.30 -16.18
CA GLU A 228 10.98 8.49 -14.79
C GLU A 228 10.40 9.87 -14.51
N SER A 229 11.08 10.90 -15.02
CA SER A 229 10.64 12.26 -14.75
C SER A 229 9.29 12.50 -15.41
N GLN A 230 9.03 11.80 -16.49
CA GLN A 230 7.73 11.88 -17.13
C GLN A 230 6.66 11.22 -16.25
N LEU A 231 6.91 9.98 -15.85
CA LEU A 231 5.97 9.26 -14.99
C LEU A 231 5.68 10.10 -13.75
N ALA A 232 6.70 10.78 -13.24
CA ALA A 232 6.59 11.45 -11.94
C ALA A 232 5.54 12.56 -11.84
N VAL A 233 5.28 13.26 -12.93
CA VAL A 233 4.41 14.43 -12.86
C VAL A 233 2.97 14.04 -12.54
N PHE A 234 2.62 12.79 -12.82
CA PHE A 234 1.27 12.30 -12.55
C PHE A 234 0.99 12.27 -11.04
N CYS A 235 2.01 12.00 -10.24
CA CYS A 235 1.84 11.97 -8.80
C CYS A 235 1.95 13.36 -8.18
N GLU A 236 2.23 14.37 -9.00
CA GLU A 236 2.23 15.74 -8.50
C GLU A 236 0.85 16.35 -8.67
N VAL A 237 -0.05 15.61 -9.33
CA VAL A 237 -1.43 16.05 -9.49
C VAL A 237 -2.18 16.10 -8.14
N LEU A 238 -2.82 17.23 -7.86
CA LEU A 238 -3.57 17.39 -6.62
C LEU A 238 -5.07 17.14 -6.79
N THR A 239 -5.74 16.72 -5.71
CA THR A 239 -7.15 16.41 -5.78
C THR A 239 -7.88 16.81 -4.49
N MET A 240 -9.07 17.38 -4.63
CA MET A 240 -9.91 17.71 -3.47
C MET A 240 -11.17 16.85 -3.47
N GLN A 241 -11.44 16.24 -2.32
CA GLN A 241 -12.54 15.31 -2.22
C GLN A 241 -13.34 15.58 -0.95
N GLN A 242 -14.66 15.60 -1.08
CA GLN A 242 -15.52 15.79 0.07
C GLN A 242 -15.75 14.51 0.86
N SER A 243 -15.66 14.62 2.18
CA SER A 243 -16.18 13.59 3.08
C SER A 243 -16.95 14.27 4.21
N GLY A 244 -18.26 14.04 4.25
CA GLY A 244 -19.10 14.71 5.20
C GLY A 244 -19.05 16.20 4.92
N TYR A 245 -18.76 16.99 5.96
CA TYR A 245 -18.82 18.45 5.89
C TYR A 245 -17.44 19.06 5.72
N VAL A 246 -16.55 18.30 5.10
CA VAL A 246 -15.17 18.70 4.99
C VAL A 246 -14.68 18.36 3.58
N MET A 247 -13.70 19.13 3.10
CA MET A 247 -13.04 18.80 1.86
C MET A 247 -11.60 18.54 2.20
N LEU A 248 -11.04 17.47 1.65
CA LEU A 248 -9.67 17.11 1.91
C LEU A 248 -8.85 17.19 0.63
N MET A 249 -7.68 17.82 0.74
CA MET A 249 -6.74 17.89 -0.35
C MET A 249 -5.67 16.80 -0.24
N ASP A 250 -5.37 16.14 -1.36
CA ASP A 250 -4.35 15.08 -1.36
C ASP A 250 -3.69 15.05 -2.71
N TYR A 251 -2.47 14.51 -2.76
CA TYR A 251 -1.90 14.10 -4.04
C TYR A 251 -2.79 13.00 -4.61
N LEU A 252 -3.06 13.06 -5.91
CA LEU A 252 -3.90 12.04 -6.52
C LEU A 252 -3.03 10.84 -6.81
N GLN A 253 -3.40 9.68 -6.25
CA GLN A 253 -2.60 8.46 -6.42
C GLN A 253 -3.48 7.22 -6.49
N ASN A 254 -2.93 6.15 -7.08
CA ASN A 254 -3.64 4.89 -7.17
C ASN A 254 -5.06 5.08 -7.68
N ASN A 255 -5.23 5.80 -8.77
CA ASN A 255 -6.58 6.09 -9.23
C ASN A 255 -7.02 5.06 -10.25
N PHE A 256 -6.89 3.80 -9.88
CA PHE A 256 -7.29 2.69 -10.75
C PHE A 256 -8.35 1.83 -10.08
N ARG A 257 -9.23 1.25 -10.88
CA ARG A 257 -10.23 0.33 -10.37
C ARG A 257 -9.64 -1.09 -10.24
N GLU A 258 -10.08 -1.81 -9.21
CA GLU A 258 -9.70 -3.20 -9.05
C GLU A 258 -10.21 -4.06 -10.20
N GLN A 259 -9.50 -5.14 -10.48
CA GLN A 259 -9.84 -5.95 -11.63
C GLN A 259 -11.14 -6.72 -11.40
N GLN A 260 -11.89 -6.89 -12.49
CA GLN A 260 -13.18 -7.54 -12.44
C GLN A 260 -13.09 -8.98 -12.96
N TYR A 261 -14.09 -9.78 -12.62
CA TYR A 261 -14.12 -11.18 -13.04
C TYR A 261 -14.70 -11.28 -14.45
N LYS A 262 -14.13 -12.17 -15.28
CA LYS A 262 -14.50 -12.26 -16.68
C LYS A 262 -15.91 -12.79 -16.91
N PHE A 263 -16.38 -13.65 -16.01
CA PHE A 263 -17.69 -14.28 -16.19
C PHE A 263 -17.86 -14.93 -17.56
N SER A 264 -16.88 -15.71 -17.99
CA SER A 264 -17.02 -16.42 -19.24
C SER A 264 -17.02 -15.53 -20.49
N ARG A 265 -16.65 -14.27 -20.34
CA ARG A 265 -16.51 -13.42 -21.52
C ARG A 265 -15.35 -13.92 -22.35
N GLN A 266 -15.46 -13.77 -23.66
CA GLN A 266 -14.36 -14.17 -24.54
C GLN A 266 -13.47 -12.97 -24.86
N VAL A 267 -12.17 -13.23 -24.79
CA VAL A 267 -11.17 -12.26 -25.17
C VAL A 267 -10.52 -12.71 -26.47
N PHE A 268 -10.70 -11.92 -27.53
CA PHE A 268 -10.02 -12.20 -28.79
C PHE A 268 -8.60 -11.63 -28.80
N SER A 269 -7.73 -12.27 -29.55
CA SER A 269 -6.37 -11.81 -29.73
C SER A 269 -6.09 -11.72 -31.22
N SER A 270 -5.41 -10.66 -31.65
CA SER A 270 -5.09 -10.49 -33.07
C SER A 270 -3.91 -11.35 -33.46
N TYR A 271 -3.81 -11.70 -34.73
CA TYR A 271 -2.70 -12.55 -35.17
C TYR A 271 -1.69 -11.81 -36.04
N THR A 272 -0.41 -11.91 -35.65
CA THR A 272 0.67 -11.26 -36.38
C THR A 272 1.82 -12.22 -36.67
N GLY B 8 -2.25 -22.78 8.09
CA GLY B 8 -1.84 -21.82 9.09
C GLY B 8 -2.28 -20.41 8.75
N TRP B 9 -2.51 -19.60 9.78
CA TRP B 9 -2.98 -18.23 9.59
C TRP B 9 -1.91 -17.33 8.97
N SER B 10 -2.36 -16.26 8.33
CA SER B 10 -1.46 -15.22 7.84
C SER B 10 -2.19 -13.87 7.90
N TYR B 11 -1.48 -12.77 7.67
CA TYR B 11 -2.09 -11.45 7.77
C TYR B 11 -2.99 -11.16 6.57
N THR B 12 -2.50 -11.57 5.41
CA THR B 12 -3.32 -11.66 4.22
C THR B 12 -2.99 -13.01 3.62
N GLY B 13 -3.88 -13.52 2.77
CA GLY B 13 -3.68 -14.82 2.17
C GLY B 13 -4.70 -15.82 2.65
N ALA B 14 -4.35 -17.10 2.60
CA ALA B 14 -5.23 -18.15 3.11
C ALA B 14 -5.35 -18.02 4.62
N LEU B 15 -6.57 -17.88 5.11
CA LEU B 15 -6.81 -17.61 6.51
C LEU B 15 -6.28 -16.22 6.85
N ASN B 16 -6.85 -15.21 6.18
CA ASN B 16 -6.44 -13.83 6.39
C ASN B 16 -7.02 -13.25 7.67
N GLN B 17 -6.43 -12.17 8.17
CA GLN B 17 -6.80 -11.67 9.48
C GLN B 17 -8.28 -11.33 9.62
N LYS B 18 -8.95 -11.00 8.52
CA LYS B 18 -10.39 -10.75 8.59
C LYS B 18 -11.12 -12.04 8.94
N ASN B 19 -10.52 -13.16 8.56
CA ASN B 19 -11.16 -14.46 8.73
C ASN B 19 -10.55 -15.38 9.79
N TRP B 20 -9.72 -14.84 10.69
CA TRP B 20 -9.11 -15.66 11.74
C TRP B 20 -10.19 -16.25 12.65
N GLY B 21 -11.26 -15.50 12.82
CA GLY B 21 -12.34 -15.86 13.72
C GLY B 21 -13.02 -17.17 13.35
N LYS B 22 -12.81 -17.61 12.12
CA LYS B 22 -13.38 -18.86 11.64
C LYS B 22 -12.71 -20.10 12.24
N LYS B 23 -11.41 -20.00 12.50
CA LYS B 23 -10.65 -21.08 13.11
C LYS B 23 -10.41 -20.83 14.61
N TYR B 24 -10.05 -19.59 14.94
CA TYR B 24 -9.84 -19.17 16.33
C TYR B 24 -10.94 -18.20 16.74
N PRO B 25 -11.89 -18.69 17.54
CA PRO B 25 -13.13 -17.95 17.83
C PRO B 25 -12.88 -16.74 18.70
N THR B 26 -11.84 -16.82 19.54
CA THR B 26 -11.54 -15.76 20.48
C THR B 26 -11.11 -14.51 19.72
N CYS B 27 -10.69 -14.70 18.48
CA CYS B 27 -10.28 -13.58 17.63
C CYS B 27 -11.45 -12.68 17.28
N ASN B 28 -12.66 -13.08 17.63
CA ASN B 28 -13.85 -12.26 17.39
C ASN B 28 -14.40 -11.57 18.65
N SER B 29 -13.76 -11.81 19.79
CA SER B 29 -14.26 -11.32 21.08
C SER B 29 -14.27 -9.79 21.12
N PRO B 30 -15.06 -9.22 22.03
CA PRO B 30 -15.19 -7.76 22.17
C PRO B 30 -14.01 -7.17 22.94
N LYS B 31 -12.92 -7.93 23.09
CA LYS B 31 -11.79 -7.44 23.86
C LYS B 31 -10.49 -7.62 23.09
N GLN B 32 -10.53 -7.32 21.80
CA GLN B 32 -9.38 -7.51 20.92
C GLN B 32 -8.43 -6.33 20.87
N SER B 33 -7.17 -6.63 20.57
CA SER B 33 -6.12 -5.66 20.32
C SER B 33 -5.62 -5.84 18.89
N PRO B 34 -5.00 -4.80 18.31
CA PRO B 34 -4.69 -3.50 18.94
C PRO B 34 -5.81 -2.50 18.77
N ILE B 35 -5.65 -1.34 19.41
CA ILE B 35 -6.60 -0.25 19.27
C ILE B 35 -5.85 1.07 19.09
N ASN B 36 -6.58 2.11 18.70
CA ASN B 36 -6.01 3.43 18.73
C ASN B 36 -6.28 4.04 20.10
N ILE B 37 -5.29 4.76 20.61
CA ILE B 37 -5.48 5.49 21.85
C ILE B 37 -5.39 7.01 21.66
N ASP B 38 -6.48 7.71 21.98
CA ASP B 38 -6.43 9.16 22.09
C ASP B 38 -6.40 9.48 23.57
N GLU B 39 -5.48 10.34 23.98
CA GLU B 39 -5.34 10.68 25.39
C GLU B 39 -6.62 11.25 26.02
N ASP B 40 -7.33 12.11 25.29
CA ASP B 40 -8.50 12.82 25.82
C ASP B 40 -9.62 11.85 26.10
N LEU B 41 -9.56 10.71 25.45
CA LEU B 41 -10.62 9.70 25.54
C LEU B 41 -10.33 8.72 26.67
N THR B 42 -9.12 8.83 27.23
CA THR B 42 -8.75 7.98 28.34
C THR B 42 -9.28 8.58 29.64
N GLN B 43 -9.12 7.82 30.72
CA GLN B 43 -9.42 8.36 32.03
C GLN B 43 -8.12 8.45 32.83
N VAL B 44 -7.78 9.67 33.25
CA VAL B 44 -6.63 9.83 34.12
C VAL B 44 -6.92 9.09 35.42
N ASN B 45 -5.97 8.28 35.85
CA ASN B 45 -6.11 7.47 37.04
C ASN B 45 -4.87 7.66 37.87
N VAL B 46 -4.94 8.58 38.83
CA VAL B 46 -3.78 8.88 39.66
C VAL B 46 -3.49 7.72 40.63
N ASN B 47 -4.43 6.78 40.71
CA ASN B 47 -4.26 5.60 41.58
C ASN B 47 -3.42 4.49 40.94
N LEU B 48 -2.96 4.70 39.71
CA LEU B 48 -2.11 3.71 39.06
C LEU B 48 -0.77 3.59 39.77
N LYS B 49 -0.39 2.34 40.06
CA LYS B 49 0.90 2.04 40.67
C LYS B 49 2.01 2.32 39.67
N LYS B 50 3.11 2.91 40.13
CA LYS B 50 4.23 3.14 39.25
C LYS B 50 4.80 1.79 38.82
N LEU B 51 5.27 1.72 37.58
CA LEU B 51 5.83 0.49 37.05
C LEU B 51 7.12 0.10 37.75
N LYS B 52 7.24 -1.17 38.10
CA LYS B 52 8.46 -1.70 38.71
C LYS B 52 9.10 -2.69 37.75
N PHE B 53 10.36 -2.45 37.40
CA PHE B 53 11.08 -3.34 36.51
C PHE B 53 12.19 -3.99 37.31
N GLN B 54 12.04 -5.27 37.60
CA GLN B 54 13.02 -5.96 38.42
C GLN B 54 13.99 -6.79 37.59
N GLY B 55 15.27 -6.46 37.70
CA GLY B 55 16.31 -7.15 36.97
C GLY B 55 16.43 -6.76 35.49
N TRP B 56 15.69 -5.73 35.07
CA TRP B 56 15.74 -5.28 33.67
C TRP B 56 17.02 -4.51 33.35
N ASP B 57 17.72 -4.10 34.40
CA ASP B 57 18.93 -3.32 34.26
C ASP B 57 20.17 -4.19 34.19
N LYS B 58 19.99 -5.49 34.39
CA LYS B 58 21.11 -6.44 34.33
C LYS B 58 21.32 -6.95 32.90
N THR B 59 22.58 -7.14 32.53
CA THR B 59 22.93 -7.68 31.22
C THR B 59 22.15 -8.95 30.90
N SER B 60 21.79 -9.13 29.64
CA SER B 60 21.09 -10.35 29.22
C SER B 60 22.01 -11.54 29.37
N LEU B 61 21.41 -12.72 29.54
CA LEU B 61 22.21 -13.93 29.69
C LEU B 61 22.57 -14.44 28.31
N GLU B 62 23.61 -15.26 28.24
CA GLU B 62 24.20 -15.61 26.95
C GLU B 62 23.39 -16.60 26.11
N ASN B 63 22.34 -17.16 26.69
CA ASN B 63 21.49 -18.09 25.96
C ASN B 63 20.21 -17.40 25.47
N THR B 64 20.30 -16.09 25.27
CA THR B 64 19.15 -15.32 24.81
C THR B 64 19.11 -15.30 23.27
N PHE B 65 18.22 -16.09 22.68
CA PHE B 65 18.16 -16.21 21.22
C PHE B 65 17.10 -15.35 20.57
N ILE B 66 17.39 -14.91 19.35
CA ILE B 66 16.36 -14.30 18.53
C ILE B 66 16.04 -15.27 17.42
N HIS B 67 14.78 -15.26 16.97
CA HIS B 67 14.29 -16.29 16.06
C HIS B 67 13.29 -15.69 15.07
N ASN B 68 13.55 -15.89 13.78
CA ASN B 68 12.68 -15.46 12.71
C ASN B 68 11.62 -16.52 12.44
N THR B 69 10.40 -16.31 12.93
CA THR B 69 9.33 -17.29 12.76
C THR B 69 8.63 -17.17 11.42
N GLY B 70 8.98 -16.15 10.65
CA GLY B 70 8.29 -15.89 9.40
C GLY B 70 7.07 -15.00 9.58
N LYS B 71 6.67 -14.74 10.82
CA LYS B 71 5.58 -13.80 11.12
C LYS B 71 6.12 -12.61 11.88
N THR B 72 7.29 -12.76 12.47
CA THR B 72 7.95 -11.66 13.15
C THR B 72 9.37 -12.12 13.46
N VAL B 73 10.18 -11.26 14.06
CA VAL B 73 11.39 -11.74 14.71
C VAL B 73 11.14 -11.77 16.22
N GLU B 74 11.46 -12.87 16.85
CA GLU B 74 11.00 -13.14 18.21
C GLU B 74 12.20 -13.33 19.11
N ILE B 75 12.25 -12.60 20.22
CA ILE B 75 13.28 -12.84 21.21
C ILE B 75 12.75 -13.65 22.41
N ASN B 76 13.44 -14.73 22.74
CA ASN B 76 13.08 -15.57 23.87
C ASN B 76 13.98 -15.27 25.07
N LEU B 77 13.42 -14.58 26.05
CA LEU B 77 14.20 -14.11 27.19
C LEU B 77 14.47 -15.26 28.15
N THR B 78 15.61 -15.18 28.82
CA THR B 78 16.02 -16.21 29.77
C THR B 78 16.17 -15.63 31.18
N ASN B 79 16.61 -14.38 31.27
CA ASN B 79 16.70 -13.67 32.55
C ASN B 79 15.41 -13.76 33.34
N ASP B 80 15.54 -13.66 34.66
CA ASP B 80 14.39 -13.52 35.53
C ASP B 80 13.91 -12.07 35.51
N TYR B 81 13.39 -11.65 34.37
CA TYR B 81 12.86 -10.30 34.25
C TYR B 81 11.47 -10.28 34.87
N ARG B 82 11.27 -9.39 35.82
CA ARG B 82 9.94 -9.23 36.40
C ARG B 82 9.45 -7.79 36.25
N VAL B 83 8.14 -7.64 36.15
CA VAL B 83 7.54 -6.31 36.10
C VAL B 83 6.18 -6.31 36.78
N SER B 84 5.89 -5.21 37.47
CA SER B 84 4.57 -4.98 38.06
C SER B 84 4.20 -3.51 37.99
N GLY B 85 2.94 -3.21 38.28
CA GLY B 85 2.46 -1.85 38.18
C GLY B 85 1.30 -1.77 37.21
N GLY B 86 0.70 -0.58 37.13
CA GLY B 86 -0.55 -0.40 36.45
C GLY B 86 -1.62 -0.58 37.51
N VAL B 87 -2.73 -1.21 37.16
CA VAL B 87 -3.82 -1.38 38.10
C VAL B 87 -3.41 -2.24 39.30
N SER B 88 -2.53 -3.21 39.07
CA SER B 88 -2.16 -4.14 40.13
C SER B 88 -0.67 -4.10 40.43
N GLU B 89 -0.30 -4.51 41.64
CA GLU B 89 1.11 -4.64 42.02
C GLU B 89 1.58 -6.08 41.80
N MET B 90 0.68 -6.91 41.30
CA MET B 90 0.98 -8.29 40.93
C MET B 90 2.19 -8.32 40.00
N VAL B 91 3.18 -9.14 40.36
CA VAL B 91 4.43 -9.21 39.61
C VAL B 91 4.34 -10.29 38.54
N PHE B 92 4.75 -9.92 37.33
CA PHE B 92 4.72 -10.82 36.17
C PHE B 92 6.12 -11.04 35.61
N LYS B 93 6.32 -12.20 34.99
CA LYS B 93 7.61 -12.51 34.40
C LYS B 93 7.54 -12.22 32.90
N ALA B 94 8.53 -11.48 32.41
CA ALA B 94 8.60 -11.13 31.00
C ALA B 94 9.46 -12.18 30.31
N SER B 95 8.92 -12.85 29.29
CA SER B 95 9.66 -13.94 28.64
C SER B 95 9.83 -13.80 27.12
N LYS B 96 9.07 -12.92 26.49
CA LYS B 96 9.03 -12.88 25.03
C LYS B 96 8.89 -11.48 24.44
N ILE B 97 9.70 -11.20 23.42
CA ILE B 97 9.64 -9.94 22.69
C ILE B 97 9.32 -10.17 21.21
N THR B 98 8.42 -9.38 20.65
CA THR B 98 8.19 -9.44 19.20
C THR B 98 8.24 -8.06 18.58
N PHE B 99 8.20 -8.02 17.26
CA PHE B 99 8.23 -6.75 16.53
C PHE B 99 7.24 -6.74 15.40
N HIS B 100 6.79 -5.54 15.06
CA HIS B 100 5.79 -5.32 14.03
C HIS B 100 6.21 -4.08 13.27
N TRP B 101 6.11 -4.13 11.96
CA TRP B 101 6.61 -3.04 11.14
C TRP B 101 5.92 -3.04 9.78
N GLY B 102 6.19 -2.00 8.98
CA GLY B 102 5.54 -1.82 7.70
C GLY B 102 6.50 -2.08 6.56
N LYS B 103 6.92 -1.02 5.89
CA LYS B 103 7.90 -1.12 4.79
C LYS B 103 9.19 -0.39 5.15
N CYS B 104 9.41 -0.23 6.45
CA CYS B 104 10.63 0.38 6.97
C CYS B 104 10.96 1.78 6.41
N ASN B 105 9.93 2.61 6.27
CA ASN B 105 10.12 4.03 5.91
C ASN B 105 9.87 4.89 7.13
N MET B 106 10.77 5.83 7.41
CA MET B 106 10.57 6.73 8.56
C MET B 106 9.16 7.33 8.58
N SER B 107 8.56 7.50 7.41
CA SER B 107 7.21 8.04 7.30
C SER B 107 6.09 6.99 7.43
N SER B 108 6.39 5.74 7.08
CA SER B 108 5.35 4.71 7.00
C SER B 108 4.70 4.35 8.35
N ASP B 109 3.71 3.46 8.27
CA ASP B 109 3.10 2.87 9.43
C ASP B 109 3.86 1.57 9.72
N GLY B 110 3.19 0.61 10.35
CA GLY B 110 3.83 -0.64 10.71
C GLY B 110 3.43 -1.08 12.11
N SER B 111 3.25 -0.11 13.01
CA SER B 111 2.87 -0.41 14.38
C SER B 111 1.45 -0.94 14.39
N GLU B 112 1.07 -1.57 15.49
CA GLU B 112 -0.27 -2.12 15.61
C GLU B 112 -1.14 -1.18 16.42
N HIS B 113 -0.56 -0.67 17.49
CA HIS B 113 -1.21 0.36 18.28
C HIS B 113 -1.00 1.70 17.59
N SER B 114 -1.85 2.66 17.90
CA SER B 114 -1.61 4.03 17.47
C SER B 114 -1.95 5.00 18.59
N LEU B 115 -1.39 6.19 18.51
CA LEU B 115 -1.66 7.25 19.48
C LEU B 115 -2.17 8.46 18.72
N GLU B 116 -3.30 9.00 19.15
CA GLU B 116 -3.93 10.11 18.45
C GLU B 116 -4.09 9.85 16.94
N GLY B 117 -4.14 8.59 16.56
CA GLY B 117 -4.36 8.19 15.18
C GLY B 117 -3.07 8.04 14.39
N GLN B 118 -1.94 8.35 15.04
CA GLN B 118 -0.63 8.20 14.42
C GLN B 118 -0.13 6.76 14.48
N LYS B 119 0.16 6.16 13.33
CA LYS B 119 0.88 4.88 13.29
C LYS B 119 2.39 5.14 13.27
N PHE B 120 3.16 4.19 13.80
CA PHE B 120 4.61 4.33 13.86
C PHE B 120 5.30 3.26 13.02
N PRO B 121 6.55 3.53 12.60
CA PRO B 121 7.32 2.68 11.70
C PRO B 121 7.61 1.30 12.28
N LEU B 122 7.58 1.22 13.62
CA LEU B 122 7.95 -0.01 14.30
C LEU B 122 7.28 -0.04 15.67
N GLU B 123 6.81 -1.22 16.05
CA GLU B 123 6.33 -1.47 17.42
C GLU B 123 7.00 -2.71 18.01
N MET B 124 7.50 -2.56 19.23
CA MET B 124 8.08 -3.69 19.94
C MET B 124 7.15 -4.08 21.10
N GLN B 125 6.96 -5.38 21.31
CA GLN B 125 5.98 -5.85 22.30
C GLN B 125 6.59 -6.87 23.26
N ILE B 126 6.49 -6.61 24.56
CA ILE B 126 7.10 -7.46 25.56
C ILE B 126 6.01 -8.18 26.34
N TYR B 127 6.03 -9.52 26.25
CA TYR B 127 4.97 -10.38 26.76
C TYR B 127 5.33 -11.02 28.09
N CYS B 128 4.35 -11.05 28.98
CA CYS B 128 4.56 -11.44 30.36
C CYS B 128 3.42 -12.30 30.88
N PHE B 129 3.74 -13.10 31.89
CA PHE B 129 2.78 -14.01 32.46
C PHE B 129 3.10 -14.22 33.94
N ASP B 130 2.22 -14.93 34.64
CA ASP B 130 2.37 -15.16 36.08
C ASP B 130 3.20 -16.41 36.30
N ALA B 131 4.49 -16.24 36.59
CA ALA B 131 5.40 -17.37 36.80
C ALA B 131 4.91 -18.32 37.89
N ASP B 132 3.87 -17.90 38.60
CA ASP B 132 3.36 -18.70 39.72
C ASP B 132 2.29 -19.71 39.32
N ARG B 133 1.55 -19.43 38.25
CA ARG B 133 0.46 -20.31 37.85
C ARG B 133 0.81 -21.17 36.65
N PHE B 134 1.90 -20.81 35.96
CA PHE B 134 2.31 -21.52 34.77
C PHE B 134 3.81 -21.53 34.71
N SER B 135 4.34 -22.56 34.04
CA SER B 135 5.77 -22.76 33.88
C SER B 135 6.32 -21.93 32.71
N SER B 136 5.44 -21.54 31.80
CA SER B 136 5.91 -20.76 30.65
C SER B 136 4.81 -19.87 30.08
N PHE B 137 5.22 -18.94 29.24
CA PHE B 137 4.28 -18.03 28.60
C PHE B 137 3.30 -18.82 27.75
N GLU B 138 3.84 -19.70 26.92
CA GLU B 138 3.02 -20.57 26.06
C GLU B 138 1.97 -21.34 26.87
N GLU B 139 2.37 -21.85 28.03
CA GLU B 139 1.41 -22.56 28.88
C GLU B 139 0.41 -21.57 29.45
N ALA B 140 0.86 -20.35 29.71
CA ALA B 140 -0.03 -19.31 30.21
C ALA B 140 -1.12 -19.08 29.18
N VAL B 141 -0.69 -18.99 27.92
CA VAL B 141 -1.60 -18.76 26.81
C VAL B 141 -2.60 -19.91 26.68
N LYS B 142 -2.08 -21.13 26.54
CA LYS B 142 -2.93 -22.31 26.40
C LYS B 142 -4.00 -22.37 27.48
N GLY B 143 -3.63 -22.03 28.71
CA GLY B 143 -4.56 -22.10 29.82
C GLY B 143 -5.37 -20.83 30.11
N LYS B 144 -5.35 -19.87 29.19
CA LYS B 144 -6.15 -18.66 29.37
C LYS B 144 -5.82 -17.95 30.68
N GLY B 145 -4.54 -17.94 31.04
CA GLY B 145 -4.09 -17.25 32.22
C GLY B 145 -4.06 -15.75 32.00
N LYS B 146 -3.72 -15.02 33.06
CA LYS B 146 -3.67 -13.56 32.96
C LYS B 146 -2.34 -13.11 32.40
N LEU B 147 -2.38 -12.28 31.37
CA LEU B 147 -1.18 -11.88 30.66
C LEU B 147 -0.98 -10.36 30.69
N ARG B 148 0.27 -9.94 30.54
CA ARG B 148 0.62 -8.53 30.51
C ARG B 148 1.51 -8.37 29.29
N ALA B 149 1.31 -7.28 28.55
CA ALA B 149 2.18 -6.94 27.43
C ALA B 149 2.51 -5.46 27.43
N LEU B 150 3.76 -5.14 27.11
CA LEU B 150 4.18 -3.77 27.02
C LEU B 150 4.45 -3.41 25.56
N SER B 151 3.89 -2.29 25.13
CA SER B 151 4.00 -1.81 23.76
C SER B 151 4.97 -0.64 23.72
N ILE B 152 6.01 -0.76 22.90
CA ILE B 152 6.99 0.32 22.76
C ILE B 152 6.99 0.80 21.33
N LEU B 153 6.73 2.09 21.16
CA LEU B 153 6.56 2.65 19.84
C LEU B 153 7.81 3.42 19.40
N PHE B 154 8.09 3.41 18.11
CA PHE B 154 9.35 3.93 17.59
C PHE B 154 9.17 5.08 16.59
N GLU B 155 10.18 5.93 16.55
CA GLU B 155 10.26 6.95 15.52
C GLU B 155 11.66 6.92 14.98
N VAL B 156 11.82 7.36 13.73
CA VAL B 156 13.14 7.45 13.14
C VAL B 156 13.78 8.79 13.45
N GLY B 157 15.02 8.73 13.92
CA GLY B 157 15.80 9.92 14.18
C GLY B 157 17.06 9.91 13.35
N THR B 158 17.93 10.88 13.63
CA THR B 158 19.15 11.07 12.89
C THR B 158 20.17 9.99 13.18
N GLU B 159 20.45 9.79 14.46
CA GLU B 159 21.57 8.94 14.86
C GLU B 159 21.20 7.51 15.22
N GLU B 160 22.20 6.64 15.12
CA GLU B 160 22.05 5.24 15.50
C GLU B 160 21.77 5.20 17.00
N ASN B 161 20.79 4.38 17.40
CA ASN B 161 20.49 4.21 18.82
C ASN B 161 21.26 3.01 19.34
N LEU B 162 22.37 3.29 20.03
CA LEU B 162 23.32 2.26 20.41
C LEU B 162 22.79 1.22 21.40
N ASP B 163 21.82 1.60 22.23
CA ASP B 163 21.18 0.64 23.13
C ASP B 163 20.52 -0.49 22.34
N PHE B 164 20.35 -0.29 21.03
CA PHE B 164 19.69 -1.27 20.20
C PHE B 164 20.61 -2.05 19.25
N LYS B 165 21.88 -1.64 19.18
CA LYS B 165 22.80 -2.28 18.25
C LYS B 165 22.67 -3.79 18.31
N ALA B 166 22.82 -4.35 19.51
CA ALA B 166 22.75 -5.80 19.72
C ALA B 166 21.45 -6.39 19.16
N ILE B 167 20.34 -5.69 19.35
CA ILE B 167 19.05 -6.15 18.83
C ILE B 167 19.04 -6.13 17.30
N ILE B 168 19.47 -5.00 16.75
CA ILE B 168 19.53 -4.79 15.31
C ILE B 168 20.43 -5.81 14.63
N ASP B 169 21.63 -6.04 15.18
CA ASP B 169 22.53 -7.07 14.68
C ASP B 169 21.84 -8.42 14.75
N GLY B 170 21.17 -8.66 15.87
CA GLY B 170 20.38 -9.86 16.00
C GLY B 170 19.43 -10.00 14.83
N VAL B 171 18.66 -8.94 14.54
CA VAL B 171 17.69 -9.00 13.45
C VAL B 171 18.33 -9.27 12.09
N GLU B 172 19.49 -8.67 11.83
CA GLU B 172 20.26 -9.01 10.62
C GLU B 172 20.57 -10.50 10.61
N SER B 173 21.07 -10.98 11.75
CA SER B 173 21.49 -12.37 11.90
C SER B 173 20.42 -13.36 11.54
N VAL B 174 19.15 -13.02 11.80
CA VAL B 174 18.07 -13.97 11.55
C VAL B 174 17.23 -13.59 10.34
N SER B 175 17.85 -12.85 9.44
CA SER B 175 17.20 -12.46 8.21
C SER B 175 16.62 -13.68 7.47
N ARG B 176 17.40 -14.75 7.34
CA ARG B 176 16.91 -15.91 6.61
C ARG B 176 15.79 -16.58 7.39
N PHE B 177 14.78 -17.07 6.69
CA PHE B 177 13.60 -17.61 7.33
C PHE B 177 13.95 -18.77 8.25
N GLY B 178 13.39 -18.75 9.45
CA GLY B 178 13.54 -19.84 10.39
C GLY B 178 14.84 -19.75 11.19
N LYS B 179 15.73 -18.86 10.76
CA LYS B 179 17.04 -18.75 11.39
C LYS B 179 16.92 -18.43 12.88
N GLN B 180 17.87 -18.94 13.66
CA GLN B 180 18.01 -18.59 15.07
C GLN B 180 19.42 -18.13 15.33
N ALA B 181 19.60 -17.32 16.37
CA ALA B 181 20.90 -16.75 16.66
C ALA B 181 20.94 -16.11 18.04
N ALA B 182 22.03 -16.35 18.75
CA ALA B 182 22.21 -15.77 20.08
C ALA B 182 22.39 -14.25 19.99
N LEU B 183 21.75 -13.53 20.90
CA LEU B 183 21.89 -12.07 20.97
C LEU B 183 23.18 -11.65 21.66
N ASP B 184 23.79 -10.61 21.14
CA ASP B 184 24.86 -9.96 21.88
C ASP B 184 24.29 -9.35 23.17
N PRO B 185 25.17 -9.04 24.13
CA PRO B 185 24.70 -8.48 25.41
C PRO B 185 23.85 -7.21 25.24
N PHE B 186 22.69 -7.19 25.88
CA PHE B 186 21.89 -5.96 25.90
C PHE B 186 21.25 -5.74 27.24
N ILE B 187 20.76 -4.52 27.45
CA ILE B 187 20.11 -4.15 28.70
C ILE B 187 18.63 -3.88 28.44
N LEU B 188 17.78 -4.80 28.88
CA LEU B 188 16.36 -4.76 28.55
C LEU B 188 15.70 -3.44 28.92
N LEU B 189 16.10 -2.87 30.05
CA LEU B 189 15.52 -1.60 30.51
C LEU B 189 15.83 -0.48 29.53
N ASN B 190 16.97 -0.56 28.86
CA ASN B 190 17.39 0.49 27.94
C ASN B 190 16.71 0.42 26.58
N LEU B 191 15.91 -0.63 26.35
CA LEU B 191 15.13 -0.76 25.14
C LEU B 191 13.81 -0.01 25.29
N LEU B 192 13.55 0.50 26.49
CA LEU B 192 12.34 1.30 26.70
C LEU B 192 12.55 2.80 26.43
N PRO B 193 11.46 3.57 26.24
CA PRO B 193 11.68 5.01 26.17
C PRO B 193 12.30 5.55 27.45
N ASN B 194 13.05 6.64 27.32
CA ASN B 194 13.71 7.28 28.45
C ASN B 194 12.78 7.58 29.62
N SER B 195 11.52 7.87 29.32
CA SER B 195 10.55 8.08 30.38
C SER B 195 9.40 7.10 30.22
N THR B 196 9.28 6.20 31.19
CA THR B 196 8.25 5.18 31.19
C THR B 196 7.10 5.59 32.11
N ASP B 197 7.22 6.78 32.70
CA ASP B 197 6.22 7.30 33.64
C ASP B 197 4.83 7.46 33.02
N LYS B 198 4.79 7.85 31.76
CA LYS B 198 3.52 8.12 31.09
C LYS B 198 3.15 6.97 30.16
N TYR B 199 1.99 6.37 30.39
CA TYR B 199 1.57 5.19 29.64
C TYR B 199 0.08 4.97 29.76
N TYR B 200 -0.48 4.20 28.84
CA TYR B 200 -1.88 3.86 28.92
C TYR B 200 -1.99 2.38 29.24
N ILE B 201 -3.13 1.99 29.79
CA ILE B 201 -3.37 0.61 30.14
C ILE B 201 -4.79 0.27 29.76
N TYR B 202 -4.99 -0.87 29.12
CA TYR B 202 -6.33 -1.35 28.79
C TYR B 202 -6.37 -2.88 28.77
N ASN B 203 -7.57 -3.44 28.78
CA ASN B 203 -7.74 -4.89 28.73
C ASN B 203 -7.96 -5.37 27.31
N GLY B 204 -6.99 -6.11 26.78
CA GLY B 204 -7.07 -6.53 25.39
C GLY B 204 -6.68 -7.98 25.20
N SER B 205 -6.06 -8.26 24.04
CA SER B 205 -5.75 -9.62 23.62
C SER B 205 -4.42 -9.69 22.88
N LEU B 206 -3.98 -10.91 22.61
CA LEU B 206 -2.90 -11.12 21.65
C LEU B 206 -3.34 -10.58 20.29
N THR B 207 -2.38 -10.12 19.50
CA THR B 207 -2.70 -9.51 18.21
C THR B 207 -2.54 -10.48 17.04
N SER B 208 -2.42 -11.76 17.35
CA SER B 208 -2.46 -12.81 16.34
C SER B 208 -3.08 -14.03 17.01
N PRO B 209 -3.59 -14.98 16.20
CA PRO B 209 -4.24 -16.14 16.84
C PRO B 209 -3.29 -16.83 17.81
N PRO B 210 -3.80 -17.38 18.93
CA PRO B 210 -5.23 -17.59 19.23
C PRO B 210 -6.01 -16.33 19.62
N CYS B 211 -5.38 -15.16 19.59
CA CYS B 211 -6.05 -13.92 19.94
C CYS B 211 -6.55 -13.91 21.39
N THR B 212 -5.77 -14.54 22.27
CA THR B 212 -6.15 -14.75 23.66
C THR B 212 -6.58 -13.46 24.39
N ASP B 213 -7.75 -13.55 25.02
CA ASP B 213 -8.59 -12.44 25.47
C ASP B 213 -8.18 -11.74 26.77
N THR B 214 -6.99 -11.98 27.26
CA THR B 214 -6.73 -11.77 28.69
C THR B 214 -5.48 -10.94 28.93
N VAL B 215 -5.11 -10.14 27.93
CA VAL B 215 -3.89 -9.34 28.04
C VAL B 215 -4.16 -7.93 28.58
N ASP B 216 -3.56 -7.61 29.71
CA ASP B 216 -3.52 -6.22 30.15
C ASP B 216 -2.38 -5.54 29.43
N TRP B 217 -2.72 -4.57 28.60
CA TRP B 217 -1.72 -3.87 27.80
C TRP B 217 -1.23 -2.61 28.51
N ILE B 218 0.08 -2.41 28.44
CA ILE B 218 0.70 -1.16 28.85
C ILE B 218 1.35 -0.56 27.62
N VAL B 219 0.81 0.57 27.15
CA VAL B 219 1.36 1.27 25.99
C VAL B 219 2.05 2.54 26.42
N PHE B 220 3.36 2.64 26.17
CA PHE B 220 4.10 3.82 26.57
C PHE B 220 3.83 5.00 25.63
N LYS B 221 3.69 6.19 26.21
CA LYS B 221 3.38 7.35 25.38
C LYS B 221 4.62 7.89 24.66
N ASP B 222 5.76 7.86 25.33
CA ASP B 222 7.02 8.32 24.74
C ASP B 222 7.59 7.22 23.86
N THR B 223 8.05 7.61 22.68
CA THR B 223 8.64 6.70 21.74
C THR B 223 10.15 6.50 21.92
N VAL B 224 10.65 5.42 21.35
CA VAL B 224 12.07 5.20 21.26
C VAL B 224 12.50 5.60 19.86
N SER B 225 13.68 6.18 19.75
CA SER B 225 14.21 6.60 18.45
C SER B 225 15.24 5.62 17.91
N ILE B 226 15.16 5.34 16.61
CA ILE B 226 16.25 4.61 15.92
C ILE B 226 16.56 5.22 14.56
N SER B 227 17.76 4.94 14.05
CA SER B 227 18.18 5.45 12.75
C SER B 227 17.42 4.78 11.62
N GLU B 228 17.51 5.38 10.45
CA GLU B 228 16.88 4.85 9.24
C GLU B 228 17.45 3.48 8.89
N SER B 229 18.76 3.35 9.00
CA SER B 229 19.44 2.12 8.63
C SER B 229 19.18 0.99 9.65
N GLN B 230 18.87 1.35 10.89
CA GLN B 230 18.47 0.34 11.88
C GLN B 230 17.07 -0.16 11.56
N LEU B 231 16.17 0.75 11.20
CA LEU B 231 14.80 0.36 10.85
C LEU B 231 14.81 -0.57 9.64
N ALA B 232 15.71 -0.32 8.71
CA ALA B 232 15.71 -1.04 7.43
C ALA B 232 16.06 -2.53 7.53
N VAL B 233 16.74 -2.95 8.60
CA VAL B 233 17.11 -4.34 8.73
C VAL B 233 15.88 -5.24 8.80
N PHE B 234 14.82 -4.72 9.43
CA PHE B 234 13.58 -5.47 9.56
C PHE B 234 13.02 -5.92 8.22
N CYS B 235 13.06 -5.04 7.22
CA CYS B 235 12.48 -5.38 5.91
C CYS B 235 13.37 -6.29 5.07
N GLU B 236 14.53 -6.65 5.58
CA GLU B 236 15.39 -7.64 4.92
C GLU B 236 15.13 -9.01 5.51
N VAL B 237 14.21 -9.08 6.46
CA VAL B 237 13.77 -10.35 7.00
C VAL B 237 12.99 -11.13 5.95
N LEU B 238 13.37 -12.39 5.74
CA LEU B 238 12.67 -13.25 4.79
C LEU B 238 11.61 -14.12 5.48
N THR B 239 10.57 -14.46 4.74
CA THR B 239 9.54 -15.33 5.25
C THR B 239 9.09 -16.27 4.16
N MET B 240 8.87 -17.52 4.52
CA MET B 240 8.34 -18.51 3.60
C MET B 240 6.92 -18.80 4.05
N GLN B 241 5.99 -18.93 3.12
CA GLN B 241 4.66 -19.31 3.55
C GLN B 241 3.88 -20.06 2.48
N GLN B 242 3.16 -21.08 2.94
CA GLN B 242 2.50 -22.03 2.07
C GLN B 242 1.22 -21.43 1.55
N SER B 243 1.02 -21.55 0.24
CA SER B 243 -0.23 -21.18 -0.41
C SER B 243 -0.64 -22.35 -1.28
N GLY B 244 -1.68 -23.05 -0.85
CA GLY B 244 -2.12 -24.24 -1.56
C GLY B 244 -0.99 -25.24 -1.63
N TYR B 245 -0.58 -25.61 -2.83
CA TYR B 245 0.45 -26.61 -3.00
C TYR B 245 1.88 -26.07 -3.20
N VAL B 246 2.11 -24.79 -2.89
CA VAL B 246 3.47 -24.24 -2.98
C VAL B 246 3.88 -23.42 -1.77
N MET B 247 5.17 -23.14 -1.66
CA MET B 247 5.69 -22.25 -0.62
C MET B 247 6.24 -21.04 -1.32
N LEU B 248 5.97 -19.85 -0.78
CA LEU B 248 6.42 -18.60 -1.39
C LEU B 248 7.37 -17.87 -0.46
N MET B 249 8.54 -17.54 -1.00
CA MET B 249 9.52 -16.72 -0.31
C MET B 249 9.30 -15.25 -0.63
N ASP B 250 9.27 -14.42 0.40
CA ASP B 250 9.05 -12.99 0.27
C ASP B 250 9.82 -12.32 1.36
N TYR B 251 10.03 -11.02 1.22
CA TYR B 251 10.46 -10.21 2.35
C TYR B 251 9.28 -10.10 3.29
N LEU B 252 9.57 -10.02 4.58
CA LEU B 252 8.50 -9.85 5.56
C LEU B 252 8.19 -8.37 5.71
N GLN B 253 6.93 -7.99 5.49
CA GLN B 253 6.51 -6.59 5.59
C GLN B 253 5.09 -6.48 6.08
N ASN B 254 4.78 -5.36 6.73
CA ASN B 254 3.39 -5.08 7.08
C ASN B 254 2.80 -6.16 7.96
N ASN B 255 3.62 -6.71 8.86
CA ASN B 255 3.19 -7.79 9.73
C ASN B 255 2.51 -7.27 11.00
N PHE B 256 1.42 -6.53 10.81
CA PHE B 256 0.67 -5.94 11.93
C PHE B 256 -0.80 -6.20 11.72
N ARG B 257 -1.55 -6.36 12.81
CA ARG B 257 -2.98 -6.63 12.70
C ARG B 257 -3.71 -5.31 12.63
N GLU B 258 -4.77 -5.24 11.82
CA GLU B 258 -5.66 -4.08 11.76
C GLU B 258 -6.21 -3.76 13.15
N GLN B 259 -6.67 -2.53 13.34
CA GLN B 259 -7.15 -2.12 14.66
C GLN B 259 -8.57 -2.60 14.96
N GLN B 260 -8.86 -2.78 16.24
CA GLN B 260 -10.13 -3.35 16.66
C GLN B 260 -11.01 -2.30 17.33
N TYR B 261 -12.30 -2.57 17.41
CA TYR B 261 -13.24 -1.70 18.11
C TYR B 261 -13.07 -1.83 19.62
N LYS B 262 -13.23 -0.72 20.34
CA LYS B 262 -13.06 -0.72 21.78
C LYS B 262 -14.24 -1.30 22.53
N PHE B 263 -15.45 -1.15 21.99
CA PHE B 263 -16.65 -1.72 22.59
C PHE B 263 -16.89 -1.24 24.02
N SER B 264 -16.62 0.04 24.28
CA SER B 264 -16.86 0.58 25.63
C SER B 264 -15.87 0.08 26.68
N ARG B 265 -14.70 -0.38 26.23
CA ARG B 265 -13.61 -0.64 27.15
C ARG B 265 -13.06 0.70 27.58
N GLN B 266 -12.64 0.81 28.83
CA GLN B 266 -11.97 2.05 29.25
C GLN B 266 -10.47 1.92 29.14
N VAL B 267 -9.83 3.00 28.72
CA VAL B 267 -8.39 3.10 28.74
C VAL B 267 -8.02 4.06 29.86
N PHE B 268 -7.09 3.65 30.72
CA PHE B 268 -6.60 4.55 31.75
C PHE B 268 -5.32 5.23 31.26
N SER B 269 -4.98 6.32 31.91
CA SER B 269 -3.80 7.10 31.59
C SER B 269 -3.08 7.37 32.90
N SER B 270 -1.76 7.27 32.91
CA SER B 270 -1.00 7.56 34.13
C SER B 270 -0.94 9.07 34.36
N TYR B 271 -0.74 9.49 35.60
CA TYR B 271 -0.56 10.92 35.86
C TYR B 271 0.88 11.27 36.20
N THR B 272 1.43 12.21 35.45
CA THR B 272 2.85 12.57 35.59
C THR B 272 3.03 14.07 35.88
N GLY C 5 -37.27 39.57 5.67
CA GLY C 5 -36.03 38.81 5.66
C GLY C 5 -36.03 37.68 6.68
N TYR C 6 -35.15 36.69 6.50
CA TYR C 6 -35.15 35.53 7.38
C TYR C 6 -33.85 34.72 7.35
N LEU C 7 -33.76 33.76 8.28
CA LEU C 7 -32.62 32.85 8.37
C LEU C 7 -33.02 31.58 9.14
N ASP C 8 -33.26 30.49 8.41
CA ASP C 8 -33.60 29.21 9.02
C ASP C 8 -32.48 28.74 9.96
N PRO C 9 -32.77 27.71 10.77
CA PRO C 9 -31.74 27.12 11.63
C PRO C 9 -30.94 26.03 10.93
N PHE C 10 -29.75 25.75 11.43
CA PHE C 10 -28.97 24.60 10.99
C PHE C 10 -29.65 23.28 11.34
N PRO C 11 -29.44 22.25 10.52
CA PRO C 11 -29.98 20.92 10.82
C PRO C 11 -29.52 20.38 12.18
N PRO C 12 -30.31 19.46 12.76
CA PRO C 12 -30.04 18.79 14.04
C PRO C 12 -28.99 17.67 13.96
N GLU C 13 -28.94 16.96 12.84
CA GLU C 13 -28.02 15.82 12.70
C GLU C 13 -26.57 16.17 13.02
N GLU C 14 -25.85 15.19 13.57
CA GLU C 14 -24.47 15.41 13.98
C GLU C 14 -23.54 15.43 12.77
N ARG C 15 -22.47 16.20 12.88
CA ARG C 15 -21.43 16.21 11.87
C ARG C 15 -20.31 15.26 12.29
N PRO C 16 -20.04 14.24 11.47
CA PRO C 16 -19.08 13.15 11.76
C PRO C 16 -17.64 13.61 11.97
N GLU C 17 -16.95 12.92 12.85
CA GLU C 17 -15.59 13.29 13.21
C GLU C 17 -14.64 13.12 12.03
N VAL C 18 -13.61 13.96 11.99
CA VAL C 18 -12.64 13.94 10.91
C VAL C 18 -11.24 13.79 11.44
N ARG C 19 -10.49 12.83 10.90
CA ARG C 19 -9.08 12.66 11.26
C ARG C 19 -8.24 12.90 10.02
N VAL C 20 -7.33 13.87 10.11
CA VAL C 20 -6.51 14.34 8.98
C VAL C 20 -5.10 14.53 9.49
N LYS C 21 -4.10 14.02 8.78
CA LYS C 21 -2.75 14.22 9.29
C LYS C 21 -2.25 15.67 9.16
N GLU C 22 -1.49 16.10 10.15
CA GLU C 22 -0.81 17.38 10.10
C GLU C 22 -0.18 17.57 8.74
N GLY C 23 -0.20 18.81 8.23
CA GLY C 23 0.43 19.13 6.96
C GLY C 23 -0.52 19.22 5.77
N LYS C 24 -1.64 18.50 5.86
CA LYS C 24 -2.61 18.49 4.77
C LYS C 24 -3.51 19.73 4.82
N GLY C 25 -3.98 20.15 3.65
CA GLY C 25 -4.95 21.22 3.58
C GLY C 25 -6.35 20.64 3.68
N MET C 26 -7.27 21.40 4.25
CA MET C 26 -8.67 20.98 4.28
C MET C 26 -9.60 22.19 4.28
N VAL C 27 -10.87 21.93 4.00
CA VAL C 27 -11.91 22.95 4.04
C VAL C 27 -13.06 22.43 4.88
N LEU C 28 -13.47 23.19 5.90
CA LEU C 28 -14.65 22.79 6.65
C LEU C 28 -15.83 23.56 6.09
N LEU C 29 -16.87 22.83 5.65
CA LEU C 29 -17.97 23.44 4.92
C LEU C 29 -19.01 24.04 5.85
N CYS C 30 -19.38 25.29 5.61
CA CYS C 30 -20.36 25.96 6.45
C CYS C 30 -21.76 25.45 6.16
N ASP C 31 -22.09 25.32 4.87
CA ASP C 31 -23.39 24.79 4.46
C ASP C 31 -24.52 25.59 5.09
N PRO C 32 -24.48 26.94 4.96
CA PRO C 32 -25.44 27.83 5.61
C PRO C 32 -26.89 27.50 5.25
N PRO C 33 -27.82 27.69 6.21
CA PRO C 33 -29.26 27.43 5.98
C PRO C 33 -29.89 28.45 5.02
N TYR C 34 -31.09 28.15 4.53
CA TYR C 34 -31.82 29.08 3.67
C TYR C 34 -31.97 30.41 4.38
N HIS C 35 -31.95 31.49 3.61
CA HIS C 35 -31.91 32.82 4.20
C HIS C 35 -32.06 33.90 3.14
N PHE C 36 -32.43 35.09 3.60
CA PHE C 36 -32.55 36.27 2.76
C PHE C 36 -32.73 37.47 3.69
N PRO C 37 -31.96 38.54 3.47
CA PRO C 37 -31.05 38.71 2.34
C PRO C 37 -29.76 37.90 2.49
N ASP C 38 -28.94 37.92 1.45
CA ASP C 38 -27.70 37.18 1.44
C ASP C 38 -26.52 38.08 1.80
N ASP C 39 -26.66 38.82 2.89
CA ASP C 39 -25.58 39.68 3.38
C ASP C 39 -25.07 39.21 4.73
N LEU C 40 -24.84 37.91 4.85
CA LEU C 40 -24.48 37.30 6.12
C LEU C 40 -23.02 37.59 6.51
N SER C 41 -22.75 37.58 7.81
CA SER C 41 -21.38 37.56 8.28
C SER C 41 -21.07 36.15 8.82
N TYR C 42 -19.94 35.60 8.42
CA TYR C 42 -19.61 34.25 8.82
C TYR C 42 -18.48 34.23 9.82
N ARG C 43 -18.68 33.45 10.86
CA ARG C 43 -17.63 33.18 11.83
C ARG C 43 -17.68 31.71 12.20
N TRP C 44 -16.64 31.25 12.86
CA TRP C 44 -16.58 29.86 13.28
C TRP C 44 -16.29 29.76 14.77
N LEU C 45 -16.97 28.85 15.45
CA LEU C 45 -16.76 28.66 16.89
C LEU C 45 -15.86 27.47 17.19
N LEU C 46 -15.05 27.58 18.23
CA LEU C 46 -14.24 26.47 18.69
C LEU C 46 -14.85 25.84 19.95
N ASN C 47 -15.52 24.70 19.77
CA ASN C 47 -16.01 23.88 20.87
C ASN C 47 -17.32 24.33 21.50
N GLU C 48 -17.50 25.63 21.68
CA GLU C 48 -18.75 26.15 22.21
C GLU C 48 -18.82 27.67 22.09
N PHE C 49 -20.04 28.19 22.01
CA PHE C 49 -20.28 29.63 22.04
C PHE C 49 -19.80 30.23 23.37
N PRO C 50 -19.18 31.42 23.34
CA PRO C 50 -18.88 32.28 22.20
C PRO C 50 -17.39 32.27 21.93
N VAL C 51 -16.77 31.09 21.93
CA VAL C 51 -15.34 31.02 21.71
C VAL C 51 -15.08 30.95 20.22
N PHE C 52 -14.61 32.06 19.65
CA PHE C 52 -14.38 32.16 18.22
C PHE C 52 -12.97 31.78 17.85
N ILE C 53 -12.87 31.10 16.71
CA ILE C 53 -11.60 30.76 16.09
C ILE C 53 -10.61 31.93 15.99
N THR C 54 -9.32 31.63 16.11
CA THR C 54 -8.29 32.56 15.67
C THR C 54 -8.09 32.48 14.14
N MET C 55 -8.12 33.62 13.46
CA MET C 55 -7.83 33.65 12.04
C MET C 55 -6.48 34.30 11.74
N ASP C 56 -5.81 33.81 10.71
CA ASP C 56 -4.51 34.35 10.31
C ASP C 56 -4.22 33.86 8.90
N LYS C 57 -2.98 33.99 8.43
CA LYS C 57 -2.68 33.56 7.06
C LYS C 57 -2.84 32.05 6.83
N ARG C 58 -3.01 31.29 7.92
CA ARG C 58 -3.17 29.85 7.80
C ARG C 58 -4.64 29.43 7.86
N ARG C 59 -5.46 30.18 8.59
CA ARG C 59 -6.89 29.87 8.69
C ARG C 59 -7.75 31.03 8.24
N PHE C 60 -8.60 30.78 7.25
CA PHE C 60 -9.36 31.83 6.57
C PHE C 60 -10.83 31.47 6.53
N VAL C 61 -11.68 32.47 6.81
CA VAL C 61 -13.10 32.26 6.68
C VAL C 61 -13.62 33.15 5.56
N SER C 62 -14.27 32.54 4.57
CA SER C 62 -14.80 33.28 3.43
C SER C 62 -16.13 33.90 3.81
N GLN C 63 -16.28 35.16 3.43
CA GLN C 63 -17.50 35.90 3.70
C GLN C 63 -18.48 35.74 2.55
N THR C 64 -18.09 35.01 1.52
CA THR C 64 -19.01 34.68 0.43
C THR C 64 -19.70 33.34 0.68
N ASN C 65 -18.92 32.30 1.00
CA ASN C 65 -19.48 30.96 1.22
C ASN C 65 -19.43 30.48 2.68
N GLY C 66 -18.79 31.26 3.55
CA GLY C 66 -18.72 30.92 4.96
C GLY C 66 -17.78 29.77 5.34
N ASN C 67 -17.15 29.15 4.35
CA ASN C 67 -16.28 28.01 4.64
C ASN C 67 -15.07 28.41 5.44
N LEU C 68 -14.56 27.47 6.26
CA LEU C 68 -13.31 27.66 6.97
C LEU C 68 -12.19 26.95 6.24
N TYR C 69 -11.20 27.71 5.77
CA TYR C 69 -10.05 27.19 5.03
C TYR C 69 -8.80 27.09 5.91
N ILE C 70 -8.23 25.89 6.00
CA ILE C 70 -7.02 25.70 6.79
C ILE C 70 -5.92 25.26 5.84
N ALA C 71 -4.98 26.16 5.57
CA ALA C 71 -3.89 25.86 4.64
C ALA C 71 -3.21 24.50 4.91
N ASN C 72 -2.76 24.32 6.14
CA ASN C 72 -2.19 23.05 6.55
C ASN C 72 -2.53 22.79 8.00
N VAL C 73 -3.02 21.59 8.27
CA VAL C 73 -3.51 21.23 9.59
C VAL C 73 -2.32 21.07 10.53
N GLU C 74 -2.51 21.55 11.76
CA GLU C 74 -1.50 21.41 12.82
C GLU C 74 -2.18 20.75 14.00
N ALA C 75 -1.39 20.08 14.84
CA ALA C 75 -1.93 19.40 16.01
C ALA C 75 -2.78 20.34 16.86
N SER C 76 -2.30 21.57 17.06
CA SER C 76 -3.02 22.57 17.85
C SER C 76 -4.45 22.87 17.34
N ASP C 77 -4.77 22.44 16.12
CA ASP C 77 -6.11 22.60 15.57
C ASP C 77 -7.16 21.66 16.20
N LYS C 78 -6.73 20.68 16.98
CA LYS C 78 -7.69 19.76 17.59
C LYS C 78 -8.83 20.51 18.28
N GLY C 79 -10.06 20.15 17.95
CA GLY C 79 -11.21 20.77 18.55
C GLY C 79 -12.44 20.54 17.70
N ASN C 80 -13.58 21.05 18.14
CA ASN C 80 -14.83 20.93 17.42
C ASN C 80 -15.19 22.28 16.80
N TYR C 81 -15.66 22.27 15.56
CA TYR C 81 -15.87 23.51 14.82
C TYR C 81 -17.31 23.68 14.34
N SER C 82 -17.89 24.83 14.65
CA SER C 82 -19.26 25.13 14.24
C SER C 82 -19.32 26.43 13.44
N CYS C 83 -20.14 26.45 12.38
CA CYS C 83 -20.26 27.65 11.57
C CYS C 83 -21.28 28.59 12.16
N PHE C 84 -20.87 29.83 12.42
CA PHE C 84 -21.71 30.80 13.11
C PHE C 84 -22.08 31.89 12.13
N VAL C 85 -23.38 31.97 11.85
CA VAL C 85 -23.91 32.77 10.77
C VAL C 85 -24.81 33.89 11.29
N SER C 86 -24.52 35.14 10.93
CA SER C 86 -25.33 36.28 11.37
C SER C 86 -25.89 37.12 10.23
N SER C 87 -27.19 37.39 10.27
CA SER C 87 -27.84 38.29 9.32
C SER C 87 -28.10 39.65 9.97
N PRO C 88 -27.27 40.66 9.64
CA PRO C 88 -27.36 41.95 10.33
C PRO C 88 -28.72 42.61 10.18
N SER C 89 -29.36 42.44 9.03
CA SER C 89 -30.60 43.14 8.73
C SER C 89 -31.76 42.68 9.62
N ILE C 90 -31.67 41.46 10.15
CA ILE C 90 -32.69 40.96 11.07
C ILE C 90 -32.13 40.64 12.47
N THR C 91 -30.94 41.15 12.76
CA THR C 91 -30.30 40.95 14.06
C THR C 91 -30.50 39.52 14.56
N LYS C 92 -30.01 38.56 13.78
CA LYS C 92 -30.22 37.16 14.12
C LYS C 92 -29.02 36.30 13.75
N SER C 93 -28.69 35.35 14.62
CA SER C 93 -27.58 34.45 14.39
C SER C 93 -28.01 33.02 14.64
N VAL C 94 -27.49 32.11 13.81
CA VAL C 94 -27.68 30.68 14.02
C VAL C 94 -26.35 29.99 13.78
N PHE C 95 -26.05 28.95 14.55
CA PHE C 95 -24.81 28.23 14.31
C PHE C 95 -25.06 26.73 14.20
N SER C 96 -24.07 25.98 13.70
CA SER C 96 -24.28 24.60 13.29
C SER C 96 -23.79 23.57 14.32
N LYS C 97 -24.20 22.32 14.15
CA LYS C 97 -23.59 21.24 14.89
C LYS C 97 -22.10 21.25 14.61
N PHE C 98 -21.32 20.81 15.59
CA PHE C 98 -19.86 20.89 15.52
C PHE C 98 -19.20 19.75 14.75
N ILE C 99 -18.20 20.11 13.95
CA ILE C 99 -17.37 19.13 13.29
C ILE C 99 -16.22 18.85 14.22
N PRO C 100 -16.14 17.63 14.76
CA PRO C 100 -15.00 17.31 15.61
C PRO C 100 -13.80 17.05 14.75
N LEU C 101 -12.74 17.83 14.90
CA LEU C 101 -11.56 17.64 14.07
C LEU C 101 -10.39 17.12 14.89
N ILE C 102 -9.78 16.04 14.43
CA ILE C 102 -8.76 15.39 15.23
C ILE C 102 -7.48 15.19 14.44
N PRO C 103 -6.58 16.17 14.51
CA PRO C 103 -5.32 16.05 13.77
C PRO C 103 -4.61 14.74 14.09
N ILE C 104 -4.04 14.13 13.06
CA ILE C 104 -3.18 12.98 13.24
C ILE C 104 -1.74 13.48 13.15
N PRO C 105 -1.01 13.41 14.26
CA PRO C 105 0.37 13.92 14.30
C PRO C 105 1.31 13.20 13.32
N GLU C 106 2.34 13.91 12.90
CA GLU C 106 3.33 13.44 11.94
C GLU C 106 4.65 13.98 12.43
N ARG C 107 5.75 13.25 12.21
CA ARG C 107 7.03 13.85 12.60
C ARG C 107 7.61 14.75 11.50
N THR C 108 7.44 14.36 10.26
CA THR C 108 7.71 15.29 9.15
C THR C 108 6.53 15.40 8.20
N THR C 109 5.84 16.53 8.27
CA THR C 109 4.69 16.76 7.41
C THR C 109 5.11 16.78 5.93
N LYS C 110 4.18 16.38 5.07
CA LYS C 110 4.44 16.39 3.64
C LYS C 110 4.20 17.80 3.06
N PRO C 111 5.19 18.35 2.36
CA PRO C 111 5.04 19.63 1.65
C PRO C 111 3.92 19.57 0.62
N TYR C 112 3.13 20.64 0.51
CA TYR C 112 2.15 20.77 -0.55
C TYR C 112 2.31 22.12 -1.22
N PRO C 113 2.26 22.15 -2.57
CA PRO C 113 2.37 23.41 -3.31
C PRO C 113 1.12 24.26 -3.10
N ALA C 114 1.29 25.59 -3.04
CA ALA C 114 0.14 26.48 -2.96
C ALA C 114 -0.89 26.15 -4.04
N ASP C 115 -2.13 25.94 -3.62
CA ASP C 115 -3.21 25.61 -4.51
C ASP C 115 -4.40 26.48 -4.15
N ILE C 116 -4.81 27.34 -5.07
CA ILE C 116 -5.88 28.28 -4.80
C ILE C 116 -7.27 27.62 -4.84
N VAL C 117 -7.95 27.61 -3.70
CA VAL C 117 -9.26 26.96 -3.63
C VAL C 117 -10.39 27.95 -3.41
N VAL C 118 -10.02 29.19 -3.07
CA VAL C 118 -11.00 30.28 -3.05
C VAL C 118 -10.69 31.21 -4.21
N GLN C 119 -11.62 31.27 -5.17
CA GLN C 119 -11.37 31.94 -6.45
C GLN C 119 -12.45 32.95 -6.72
N PHE C 120 -12.11 34.23 -6.70
CA PHE C 120 -13.11 35.24 -6.98
C PHE C 120 -13.61 35.18 -8.41
N LYS C 121 -14.85 35.59 -8.60
CA LYS C 121 -15.52 35.55 -9.88
C LYS C 121 -15.49 36.93 -10.48
N ASP C 122 -15.82 37.04 -11.77
CA ASP C 122 -16.07 38.33 -12.37
C ASP C 122 -17.05 39.06 -11.48
N VAL C 123 -16.82 40.36 -11.30
CA VAL C 123 -17.70 41.21 -10.51
C VAL C 123 -18.12 42.41 -11.36
N TYR C 124 -19.40 42.77 -11.28
CA TYR C 124 -19.91 43.99 -11.91
C TYR C 124 -20.32 45.00 -10.84
N ALA C 125 -19.86 46.23 -10.99
CA ALA C 125 -20.10 47.23 -9.97
C ALA C 125 -20.50 48.58 -10.57
N LEU C 126 -21.35 49.29 -9.84
CA LEU C 126 -21.68 50.67 -10.20
C LEU C 126 -20.58 51.58 -9.68
N MET C 127 -20.23 52.58 -10.47
CA MET C 127 -19.29 53.59 -10.01
C MET C 127 -19.67 54.00 -8.58
N GLY C 128 -18.68 54.11 -7.71
CA GLY C 128 -18.93 54.50 -6.33
C GLY C 128 -18.99 53.34 -5.34
N GLN C 129 -19.40 52.16 -5.80
CA GLN C 129 -19.51 51.00 -4.92
C GLN C 129 -18.14 50.62 -4.39
N ASN C 130 -18.13 49.86 -3.30
CA ASN C 130 -16.90 49.20 -2.86
C ASN C 130 -16.87 47.79 -3.44
N VAL C 131 -15.70 47.32 -3.82
CA VAL C 131 -15.59 45.94 -4.26
C VAL C 131 -14.62 45.17 -3.39
N THR C 132 -15.00 43.95 -3.03
CA THR C 132 -14.16 43.08 -2.23
C THR C 132 -13.89 41.78 -2.97
N LEU C 133 -12.63 41.37 -2.98
CA LEU C 133 -12.21 40.15 -3.66
C LEU C 133 -11.47 39.24 -2.66
N GLU C 134 -11.76 37.94 -2.73
CA GLU C 134 -11.12 36.97 -1.85
C GLU C 134 -10.20 36.04 -2.61
N CYS C 135 -9.04 35.77 -2.03
CA CYS C 135 -8.21 34.70 -2.56
C CYS C 135 -7.55 33.94 -1.42
N PHE C 136 -7.48 32.61 -1.55
CA PHE C 136 -6.85 31.78 -0.53
C PHE C 136 -6.41 30.41 -1.08
N ALA C 137 -5.24 29.96 -0.65
CA ALA C 137 -4.68 28.68 -1.08
C ALA C 137 -4.41 27.71 0.07
N LEU C 138 -4.69 26.44 -0.17
CA LEU C 138 -4.19 25.39 0.71
C LEU C 138 -2.71 25.23 0.35
N GLY C 139 -1.93 24.66 1.27
CA GLY C 139 -0.50 24.50 1.06
C GLY C 139 0.28 24.34 2.35
N ASN C 140 1.44 23.69 2.22
CA ASN C 140 2.37 23.45 3.31
C ASN C 140 3.79 23.58 2.77
N PRO C 141 4.55 24.60 3.21
CA PRO C 141 4.22 25.63 4.22
C PRO C 141 3.02 26.50 3.85
N VAL C 142 2.58 27.31 4.80
CA VAL C 142 1.45 28.21 4.56
C VAL C 142 1.83 29.17 3.44
N PRO C 143 1.00 29.24 2.39
CA PRO C 143 1.33 30.01 1.20
C PRO C 143 1.20 31.50 1.47
N ASP C 144 1.97 32.30 0.73
CA ASP C 144 1.79 33.74 0.72
C ASP C 144 0.92 34.18 -0.44
N ILE C 145 -0.04 35.04 -0.14
CA ILE C 145 -0.98 35.55 -1.14
C ILE C 145 -0.55 36.94 -1.63
N ARG C 146 -0.40 37.11 -2.94
CA ARG C 146 -0.11 38.44 -3.50
C ARG C 146 -1.18 38.85 -4.49
N TRP C 147 -1.45 40.15 -4.53
CA TRP C 147 -2.43 40.71 -5.47
C TRP C 147 -1.80 41.70 -6.45
N ARG C 148 -2.34 41.75 -7.65
CA ARG C 148 -1.96 42.79 -8.59
C ARG C 148 -3.05 42.99 -9.62
N LYS C 149 -3.02 44.13 -10.30
CA LYS C 149 -3.87 44.32 -11.47
C LYS C 149 -3.06 43.91 -12.69
N VAL C 150 -3.68 43.13 -13.57
CA VAL C 150 -2.96 42.67 -14.76
C VAL C 150 -2.57 43.83 -15.70
N LEU C 151 -1.27 44.03 -15.85
CA LEU C 151 -0.70 45.04 -16.76
C LEU C 151 -1.18 46.47 -16.51
N GLU C 152 -1.54 46.78 -15.27
CA GLU C 152 -1.94 48.12 -14.88
C GLU C 152 -1.65 48.32 -13.40
N PRO C 153 -1.59 49.58 -12.95
CA PRO C 153 -1.42 49.84 -11.51
C PRO C 153 -2.69 49.55 -10.73
N MET C 154 -2.55 49.17 -9.48
CA MET C 154 -3.71 49.00 -8.62
C MET C 154 -4.37 50.36 -8.33
N PRO C 155 -5.70 50.37 -8.14
CA PRO C 155 -6.34 51.62 -7.68
C PRO C 155 -5.62 52.14 -6.44
N SER C 156 -5.42 53.46 -6.39
CA SER C 156 -4.54 54.06 -5.37
C SER C 156 -5.00 53.85 -3.92
N THR C 157 -6.30 53.70 -3.72
CA THR C 157 -6.85 53.51 -2.38
C THR C 157 -7.16 52.05 -2.01
N ALA C 158 -6.85 51.12 -2.90
CA ALA C 158 -7.09 49.70 -2.64
C ALA C 158 -6.41 49.22 -1.35
N GLU C 159 -7.13 48.43 -0.56
CA GLU C 159 -6.56 47.91 0.68
C GLU C 159 -6.58 46.39 0.77
N ILE C 160 -5.51 45.84 1.33
CA ILE C 160 -5.36 44.39 1.44
C ILE C 160 -5.44 44.01 2.90
N SER C 161 -6.37 43.10 3.21
CA SER C 161 -6.69 42.76 4.59
C SER C 161 -6.82 41.26 4.86
N THR C 162 -7.06 40.95 6.14
CA THR C 162 -7.17 39.57 6.62
C THR C 162 -5.96 38.69 6.21
N SER C 163 -4.78 39.09 6.68
CA SER C 163 -3.57 38.33 6.47
C SER C 163 -3.38 38.01 4.98
N GLY C 164 -3.60 39.01 4.12
CA GLY C 164 -3.28 38.90 2.72
C GLY C 164 -4.38 38.44 1.78
N ALA C 165 -5.42 37.82 2.33
CA ALA C 165 -6.41 37.10 1.53
C ALA C 165 -7.52 37.94 0.91
N VAL C 166 -7.68 39.16 1.40
CA VAL C 166 -8.81 39.97 0.98
C VAL C 166 -8.39 41.32 0.41
N LEU C 167 -8.78 41.56 -0.85
CA LEU C 167 -8.52 42.83 -1.50
C LEU C 167 -9.80 43.64 -1.56
N LYS C 168 -9.76 44.85 -1.00
CA LYS C 168 -10.89 45.73 -1.06
C LYS C 168 -10.57 46.99 -1.87
N ILE C 169 -11.44 47.29 -2.83
CA ILE C 169 -11.33 48.51 -3.62
C ILE C 169 -12.51 49.41 -3.24
N PHE C 170 -12.21 50.65 -2.90
CA PHE C 170 -13.25 51.54 -2.38
C PHE C 170 -13.70 52.53 -3.43
N ASN C 171 -14.99 52.88 -3.37
CA ASN C 171 -15.54 53.96 -4.19
C ASN C 171 -15.03 53.83 -5.62
N ILE C 172 -15.28 52.66 -6.20
CA ILE C 172 -14.65 52.25 -7.44
C ILE C 172 -14.93 53.17 -8.64
N GLN C 173 -13.86 53.54 -9.34
CA GLN C 173 -13.94 54.38 -10.52
C GLN C 173 -13.83 53.53 -11.78
N LEU C 174 -14.26 54.09 -12.90
CA LEU C 174 -14.23 53.38 -14.16
C LEU C 174 -12.81 52.94 -14.50
N GLU C 175 -11.84 53.76 -14.14
CA GLU C 175 -10.43 53.45 -14.40
C GLU C 175 -9.98 52.19 -13.65
N ASP C 176 -10.71 51.84 -12.60
CA ASP C 176 -10.30 50.71 -11.76
C ASP C 176 -10.68 49.39 -12.40
N GLU C 177 -11.71 49.39 -13.24
CA GLU C 177 -12.09 48.16 -13.90
C GLU C 177 -10.90 47.53 -14.63
N GLY C 178 -10.97 46.23 -14.89
CA GLY C 178 -9.89 45.53 -15.57
C GLY C 178 -9.68 44.13 -14.99
N ILE C 179 -8.61 43.46 -15.39
CA ILE C 179 -8.37 42.10 -14.90
C ILE C 179 -7.45 42.15 -13.69
N TYR C 180 -7.92 41.59 -12.59
CA TYR C 180 -7.11 41.47 -11.38
C TYR C 180 -6.64 40.03 -11.19
N GLU C 181 -5.47 39.87 -10.59
CA GLU C 181 -4.87 38.55 -10.45
C GLU C 181 -4.44 38.27 -9.01
N CYS C 182 -4.71 37.05 -8.57
CA CYS C 182 -4.25 36.58 -7.28
C CYS C 182 -3.12 35.59 -7.53
N GLU C 183 -2.05 35.71 -6.74
CA GLU C 183 -0.91 34.82 -6.80
C GLU C 183 -0.74 34.22 -5.42
N ALA C 184 -0.56 32.90 -5.35
CA ALA C 184 -0.34 32.22 -4.08
C ALA C 184 0.92 31.40 -4.23
N GLU C 185 1.74 31.37 -3.19
CA GLU C 185 3.01 30.67 -3.31
C GLU C 185 3.64 30.24 -1.98
N ASN C 186 4.23 29.05 -2.00
CA ASN C 186 5.18 28.64 -0.97
C ASN C 186 6.35 28.01 -1.69
N ILE C 187 7.39 27.60 -0.95
CA ILE C 187 8.62 27.06 -1.56
C ILE C 187 8.40 25.82 -2.42
N ARG C 188 7.23 25.19 -2.28
CA ARG C 188 6.95 23.90 -2.91
C ARG C 188 6.22 24.06 -4.26
N GLY C 189 5.65 25.25 -4.49
CA GLY C 189 5.02 25.56 -5.76
C GLY C 189 4.09 26.75 -5.67
N LYS C 190 3.65 27.26 -6.82
CA LYS C 190 2.68 28.36 -6.82
C LYS C 190 1.46 28.16 -7.72
N ASP C 191 0.48 29.03 -7.51
CA ASP C 191 -0.76 29.00 -8.25
C ASP C 191 -1.18 30.45 -8.45
N LYS C 192 -2.05 30.67 -9.41
CA LYS C 192 -2.58 32.00 -9.63
C LYS C 192 -4.00 31.90 -10.17
N HIS C 193 -4.75 32.97 -10.01
CA HIS C 193 -6.11 33.04 -10.50
C HIS C 193 -6.47 34.47 -10.93
N GLN C 194 -7.20 34.58 -12.04
CA GLN C 194 -7.55 35.85 -12.66
C GLN C 194 -9.04 35.94 -12.90
N ALA C 195 -9.58 37.13 -12.73
CA ALA C 195 -10.93 37.42 -13.21
C ALA C 195 -11.09 38.93 -13.37
N ARG C 196 -12.26 39.36 -13.84
CA ARG C 196 -12.46 40.75 -14.23
C ARG C 196 -13.38 41.49 -13.31
N ILE C 197 -13.02 42.74 -13.03
CA ILE C 197 -13.94 43.69 -12.43
C ILE C 197 -14.46 44.63 -13.52
N TYR C 198 -15.78 44.65 -13.70
CA TYR C 198 -16.41 45.60 -14.59
C TYR C 198 -17.02 46.73 -13.78
N VAL C 199 -16.83 47.95 -14.27
CA VAL C 199 -17.43 49.13 -13.65
C VAL C 199 -18.38 49.79 -14.64
N GLN C 200 -19.63 49.97 -14.22
CA GLN C 200 -20.62 50.61 -15.08
C GLN C 200 -20.92 51.98 -14.51
N ALA C 201 -20.52 53.01 -15.24
CA ALA C 201 -20.67 54.39 -14.78
C ALA C 201 -21.51 55.23 -15.73
N GLY D 5 5.08 -54.27 0.33
CA GLY D 5 5.43 -53.14 -0.52
C GLY D 5 4.21 -52.52 -1.18
N TYR D 6 4.17 -51.19 -1.24
CA TYR D 6 3.07 -50.48 -1.90
C TYR D 6 3.35 -49.01 -2.22
N LEU D 7 2.52 -48.43 -3.08
CA LEU D 7 2.59 -47.02 -3.45
C LEU D 7 1.23 -46.58 -3.98
N ASP D 8 0.52 -45.77 -3.20
CA ASP D 8 -0.81 -45.28 -3.57
C ASP D 8 -0.78 -44.25 -4.70
N PRO D 9 -1.91 -44.09 -5.40
CA PRO D 9 -1.92 -43.08 -6.45
C PRO D 9 -1.99 -41.71 -5.81
N PHE D 10 -1.78 -40.66 -6.57
CA PHE D 10 -2.02 -39.33 -6.06
C PHE D 10 -3.51 -39.11 -5.99
N PRO D 11 -3.95 -38.28 -5.04
CA PRO D 11 -5.32 -37.77 -4.97
C PRO D 11 -5.69 -37.04 -6.26
N PRO D 12 -6.99 -37.06 -6.62
CA PRO D 12 -7.51 -36.33 -7.77
C PRO D 12 -7.73 -34.85 -7.49
N GLU D 13 -7.40 -34.40 -6.27
CA GLU D 13 -7.60 -33.01 -5.87
C GLU D 13 -6.83 -32.05 -6.77
N GLU D 14 -7.55 -31.21 -7.49
CA GLU D 14 -6.92 -30.18 -8.31
C GLU D 14 -5.94 -29.36 -7.49
N ARG D 15 -4.83 -29.01 -8.12
CA ARG D 15 -3.86 -28.12 -7.49
C ARG D 15 -4.02 -26.73 -8.13
N PRO D 16 -4.29 -25.71 -7.30
CA PRO D 16 -4.77 -24.41 -7.79
C PRO D 16 -3.68 -23.61 -8.45
N GLU D 17 -4.03 -22.83 -9.47
CA GLU D 17 -3.04 -22.03 -10.17
C GLU D 17 -2.29 -21.13 -9.20
N VAL D 18 -1.05 -20.83 -9.54
CA VAL D 18 -0.23 -19.90 -8.75
C VAL D 18 0.45 -18.88 -9.65
N ARG D 19 0.32 -17.60 -9.30
CA ARG D 19 0.96 -16.52 -10.03
C ARG D 19 2.08 -15.90 -9.19
N VAL D 20 3.31 -16.04 -9.67
CA VAL D 20 4.48 -15.58 -8.91
C VAL D 20 5.34 -14.63 -9.72
N LYS D 21 5.75 -13.53 -9.13
CA LYS D 21 6.57 -12.55 -9.83
C LYS D 21 7.93 -13.15 -10.15
N GLU D 22 8.39 -12.93 -11.39
CA GLU D 22 9.76 -13.26 -11.79
C GLU D 22 10.76 -12.82 -10.74
N GLY D 23 11.75 -13.67 -10.48
CA GLY D 23 12.81 -13.32 -9.55
C GLY D 23 12.61 -13.89 -8.16
N LYS D 24 11.37 -14.27 -7.83
CA LYS D 24 11.07 -14.82 -6.51
C LYS D 24 11.36 -16.32 -6.47
N GLY D 25 11.74 -16.81 -5.29
CA GLY D 25 11.92 -18.23 -5.07
C GLY D 25 10.66 -18.87 -4.56
N MET D 26 10.45 -20.14 -4.90
CA MET D 26 9.27 -20.86 -4.46
C MET D 26 9.56 -22.35 -4.36
N VAL D 27 8.61 -23.10 -3.81
CA VAL D 27 8.77 -24.54 -3.71
C VAL D 27 7.46 -25.17 -4.08
N LEU D 28 7.49 -26.06 -5.08
CA LEU D 28 6.30 -26.81 -5.44
C LEU D 28 6.29 -28.09 -4.63
N LEU D 29 5.23 -28.26 -3.84
CA LEU D 29 5.16 -29.34 -2.89
C LEU D 29 4.74 -30.62 -3.58
N CYS D 30 5.53 -31.66 -3.39
CA CYS D 30 5.23 -32.95 -3.99
C CYS D 30 4.03 -33.56 -3.26
N ASP D 31 4.10 -33.61 -1.94
CA ASP D 31 3.02 -34.19 -1.14
C ASP D 31 2.76 -35.65 -1.53
N PRO D 32 3.81 -36.50 -1.46
CA PRO D 32 3.74 -37.87 -1.96
C PRO D 32 2.71 -38.68 -1.18
N PRO D 33 2.05 -39.65 -1.83
CA PRO D 33 1.04 -40.44 -1.13
C PRO D 33 1.67 -41.58 -0.32
N TYR D 34 0.85 -42.30 0.42
CA TYR D 34 1.31 -43.39 1.28
C TYR D 34 2.13 -44.44 0.52
N HIS D 35 3.22 -44.88 1.13
CA HIS D 35 4.12 -45.85 0.50
C HIS D 35 5.06 -46.49 1.49
N PHE D 36 5.55 -47.67 1.14
CA PHE D 36 6.58 -48.37 1.89
C PHE D 36 7.15 -49.42 0.94
N PRO D 37 8.48 -49.52 0.83
CA PRO D 37 9.46 -48.81 1.67
C PRO D 37 9.63 -47.38 1.18
N ASP D 38 10.35 -46.57 1.96
CA ASP D 38 10.59 -45.17 1.62
C ASP D 38 11.85 -44.99 0.77
N ASP D 39 12.00 -45.82 -0.25
CA ASP D 39 13.15 -45.75 -1.14
C ASP D 39 12.81 -45.06 -2.47
N LEU D 40 11.88 -44.11 -2.40
CA LEU D 40 11.35 -43.47 -3.60
C LEU D 40 12.37 -42.66 -4.39
N SER D 41 12.17 -42.59 -5.70
CA SER D 41 12.83 -41.56 -6.48
C SER D 41 11.77 -40.57 -6.96
N TYR D 42 12.16 -39.32 -7.07
CA TYR D 42 11.22 -38.25 -7.35
C TYR D 42 11.62 -37.48 -8.60
N ARG D 43 10.64 -37.28 -9.47
CA ARG D 43 10.84 -36.43 -10.64
C ARG D 43 9.63 -35.52 -10.84
N TRP D 44 9.76 -34.56 -11.77
CA TRP D 44 8.66 -33.63 -12.04
C TRP D 44 8.31 -33.56 -13.52
N LEU D 45 7.02 -33.54 -13.81
CA LEU D 45 6.55 -33.49 -15.19
C LEU D 45 6.17 -32.07 -15.58
N LEU D 46 6.34 -31.75 -16.85
CA LEU D 46 5.91 -30.46 -17.36
C LEU D 46 4.72 -30.64 -18.32
N ASN D 47 3.51 -30.34 -17.83
CA ASN D 47 2.28 -30.39 -18.61
C ASN D 47 1.79 -31.80 -18.94
N GLU D 48 2.71 -32.69 -19.26
CA GLU D 48 2.38 -34.00 -19.83
C GLU D 48 3.41 -35.05 -19.48
N PHE D 49 2.95 -36.26 -19.18
CA PHE D 49 3.82 -37.42 -19.26
C PHE D 49 4.09 -37.63 -20.75
N PRO D 50 5.33 -37.99 -21.11
CA PRO D 50 6.52 -38.21 -20.28
C PRO D 50 7.53 -37.07 -20.34
N VAL D 51 7.06 -35.82 -20.33
CA VAL D 51 7.95 -34.68 -20.40
C VAL D 51 8.45 -34.24 -19.03
N PHE D 52 9.66 -34.68 -18.68
CA PHE D 52 10.25 -34.35 -17.38
C PHE D 52 10.97 -33.02 -17.46
N ILE D 53 10.86 -32.23 -16.40
CA ILE D 53 11.52 -30.93 -16.35
C ILE D 53 13.02 -31.10 -16.37
N THR D 54 13.72 -30.04 -16.77
CA THR D 54 15.17 -30.03 -16.67
C THR D 54 15.56 -29.49 -15.29
N MET D 55 16.52 -30.15 -14.65
CA MET D 55 17.05 -29.67 -13.38
C MET D 55 18.41 -29.04 -13.59
N ASP D 56 18.75 -28.08 -12.74
CA ASP D 56 20.04 -27.40 -12.82
C ASP D 56 20.35 -26.67 -11.52
N LYS D 57 21.24 -25.69 -11.60
CA LYS D 57 21.60 -24.88 -10.44
C LYS D 57 20.38 -24.17 -9.86
N ARG D 58 19.42 -23.89 -10.73
CA ARG D 58 18.28 -23.04 -10.41
C ARG D 58 17.08 -23.83 -9.93
N ARG D 59 16.89 -25.02 -10.48
CA ARG D 59 15.77 -25.86 -10.08
C ARG D 59 16.25 -27.21 -9.61
N PHE D 60 15.84 -27.57 -8.41
CA PHE D 60 16.33 -28.75 -7.72
C PHE D 60 15.15 -29.55 -7.20
N VAL D 61 15.18 -30.87 -7.40
CA VAL D 61 14.22 -31.77 -6.78
C VAL D 61 14.87 -32.58 -5.66
N SER D 62 14.30 -32.50 -4.46
CA SER D 62 14.82 -33.24 -3.32
C SER D 62 14.43 -34.69 -3.41
N GLN D 63 15.39 -35.57 -3.16
CA GLN D 63 15.12 -37.00 -3.21
C GLN D 63 14.68 -37.50 -1.84
N THR D 64 14.49 -36.58 -0.90
CA THR D 64 13.91 -36.93 0.41
C THR D 64 12.42 -36.59 0.43
N ASN D 65 12.09 -35.33 0.16
CA ASN D 65 10.70 -34.89 0.24
C ASN D 65 9.99 -34.85 -1.12
N GLY D 66 10.76 -34.94 -2.19
CA GLY D 66 10.19 -34.92 -3.53
C GLY D 66 9.86 -33.52 -4.06
N ASN D 67 9.93 -32.53 -3.18
CA ASN D 67 9.64 -31.15 -3.57
C ASN D 67 10.52 -30.60 -4.69
N LEU D 68 9.94 -29.74 -5.51
CA LEU D 68 10.68 -29.00 -6.53
C LEU D 68 10.97 -27.56 -6.05
N TYR D 69 12.25 -27.22 -5.99
CA TYR D 69 12.71 -25.90 -5.56
C TYR D 69 13.18 -25.08 -6.74
N ILE D 70 12.69 -23.85 -6.84
CA ILE D 70 13.12 -22.95 -7.91
C ILE D 70 13.74 -21.72 -7.27
N ALA D 71 15.05 -21.58 -7.41
CA ALA D 71 15.77 -20.54 -6.69
C ALA D 71 15.19 -19.15 -6.99
N ASN D 72 14.87 -18.93 -8.26
CA ASN D 72 14.18 -17.72 -8.69
C ASN D 72 13.42 -17.99 -9.99
N VAL D 73 12.15 -17.63 -10.00
CA VAL D 73 11.24 -17.91 -11.10
C VAL D 73 11.53 -17.06 -12.32
N GLU D 74 11.44 -17.69 -13.50
CA GLU D 74 11.59 -16.98 -14.76
C GLU D 74 10.30 -17.09 -15.55
N ALA D 75 10.07 -16.14 -16.45
CA ALA D 75 8.92 -16.20 -17.34
C ALA D 75 8.88 -17.55 -18.04
N SER D 76 10.06 -18.06 -18.41
CA SER D 76 10.12 -19.30 -19.16
C SER D 76 9.67 -20.53 -18.35
N ASP D 77 9.45 -20.36 -17.05
CA ASP D 77 9.03 -21.47 -16.20
C ASP D 77 7.54 -21.71 -16.35
N LYS D 78 6.87 -20.84 -17.10
CA LYS D 78 5.42 -20.98 -17.26
C LYS D 78 5.02 -22.41 -17.68
N GLY D 79 4.04 -22.98 -16.99
CA GLY D 79 3.55 -24.32 -17.30
C GLY D 79 2.99 -25.07 -16.11
N ASN D 80 2.49 -26.28 -16.35
CA ASN D 80 1.88 -27.08 -15.28
C ASN D 80 2.83 -28.14 -14.72
N TYR D 81 2.89 -28.22 -13.39
CA TYR D 81 3.88 -29.08 -12.75
C TYR D 81 3.28 -30.22 -11.91
N SER D 82 3.68 -31.44 -12.25
CA SER D 82 3.21 -32.64 -11.58
C SER D 82 4.39 -33.39 -10.99
N CYS D 83 4.22 -33.84 -9.74
CA CYS D 83 5.21 -34.68 -9.09
C CYS D 83 5.07 -36.14 -9.53
N PHE D 84 6.16 -36.67 -10.07
CA PHE D 84 6.21 -38.04 -10.56
C PHE D 84 7.07 -38.84 -9.60
N VAL D 85 6.46 -39.87 -9.02
CA VAL D 85 7.08 -40.63 -7.93
C VAL D 85 7.22 -42.11 -8.30
N SER D 86 8.42 -42.67 -8.13
CA SER D 86 8.62 -44.08 -8.44
C SER D 86 9.26 -44.91 -7.30
N SER D 87 8.80 -46.14 -7.18
CA SER D 87 9.23 -47.07 -6.14
C SER D 87 9.86 -48.29 -6.81
N PRO D 88 11.20 -48.31 -6.91
CA PRO D 88 11.93 -49.39 -7.59
C PRO D 88 11.65 -50.76 -6.98
N SER D 89 11.58 -50.82 -5.65
CA SER D 89 11.28 -52.05 -4.93
C SER D 89 10.08 -52.80 -5.50
N ILE D 90 9.10 -52.08 -6.03
CA ILE D 90 7.90 -52.70 -6.58
C ILE D 90 7.59 -52.27 -8.01
N THR D 91 8.62 -51.86 -8.75
CA THR D 91 8.45 -51.34 -10.11
C THR D 91 7.09 -50.69 -10.35
N LYS D 92 6.84 -49.57 -9.66
CA LYS D 92 5.61 -48.82 -9.89
C LYS D 92 5.84 -47.32 -9.79
N SER D 93 5.14 -46.57 -10.63
CA SER D 93 5.23 -45.12 -10.64
C SER D 93 3.85 -44.48 -10.64
N VAL D 94 3.74 -43.33 -9.98
CA VAL D 94 2.51 -42.53 -10.01
C VAL D 94 2.88 -41.07 -10.04
N PHE D 95 2.00 -40.24 -10.61
CA PHE D 95 2.23 -38.78 -10.63
C PHE D 95 0.98 -37.97 -10.32
N SER D 96 1.18 -36.74 -9.84
CA SER D 96 0.10 -35.95 -9.23
C SER D 96 -0.66 -35.07 -10.22
N LYS D 97 -1.78 -34.52 -9.75
CA LYS D 97 -2.43 -33.45 -10.49
C LYS D 97 -1.43 -32.34 -10.74
N PHE D 98 -1.59 -31.63 -11.85
CA PHE D 98 -0.66 -30.55 -12.17
C PHE D 98 -0.99 -29.24 -11.46
N ILE D 99 0.05 -28.60 -10.93
CA ILE D 99 -0.03 -27.25 -10.40
C ILE D 99 0.23 -26.29 -11.54
N PRO D 100 -0.73 -25.42 -11.88
CA PRO D 100 -0.44 -24.49 -12.97
C PRO D 100 0.35 -23.28 -12.48
N LEU D 101 1.54 -23.08 -13.05
CA LEU D 101 2.37 -21.96 -12.65
C LEU D 101 2.34 -20.88 -13.72
N ILE D 102 1.99 -19.67 -13.30
CA ILE D 102 1.89 -18.53 -14.23
C ILE D 102 2.76 -17.39 -13.74
N PRO D 103 4.00 -17.32 -14.22
CA PRO D 103 4.88 -16.27 -13.71
C PRO D 103 4.34 -14.90 -14.10
N ILE D 104 4.51 -13.92 -13.23
CA ILE D 104 4.19 -12.54 -13.54
C ILE D 104 5.46 -11.84 -14.01
N PRO D 105 5.50 -11.46 -15.28
CA PRO D 105 6.70 -10.77 -15.78
C PRO D 105 7.03 -9.54 -14.94
N GLU D 106 8.32 -9.28 -14.74
CA GLU D 106 8.78 -8.07 -14.07
C GLU D 106 9.72 -7.35 -15.01
N ARG D 107 9.70 -6.03 -15.00
CA ARG D 107 10.67 -5.25 -15.74
C ARG D 107 12.05 -5.62 -15.21
N THR D 108 12.28 -5.34 -13.93
CA THR D 108 13.50 -5.75 -13.27
C THR D 108 13.15 -6.57 -12.02
N THR D 109 13.73 -7.76 -11.92
CA THR D 109 13.45 -8.63 -10.77
C THR D 109 14.09 -8.06 -9.52
N LYS D 110 13.42 -8.25 -8.38
CA LYS D 110 13.96 -7.87 -7.08
C LYS D 110 14.97 -8.92 -6.64
N PRO D 111 16.14 -8.48 -6.16
CA PRO D 111 17.20 -9.38 -5.68
C PRO D 111 16.87 -9.99 -4.32
N TYR D 112 17.15 -11.28 -4.15
CA TYR D 112 16.97 -11.98 -2.86
C TYR D 112 18.26 -12.71 -2.48
N PRO D 113 18.73 -12.57 -1.23
CA PRO D 113 19.97 -13.24 -0.86
C PRO D 113 19.77 -14.75 -0.75
N ALA D 114 20.88 -15.50 -0.77
CA ALA D 114 20.83 -16.94 -0.62
C ALA D 114 20.19 -17.30 0.71
N ASP D 115 19.13 -18.10 0.64
CA ASP D 115 18.42 -18.54 1.82
C ASP D 115 18.25 -20.06 1.72
N ILE D 116 18.97 -20.78 2.58
CA ILE D 116 18.96 -22.24 2.56
C ILE D 116 17.63 -22.79 3.05
N VAL D 117 16.95 -23.50 2.17
CA VAL D 117 15.57 -23.89 2.43
C VAL D 117 15.46 -25.43 2.48
N VAL D 118 16.51 -26.11 2.02
CA VAL D 118 16.62 -27.56 2.15
C VAL D 118 17.77 -27.80 3.11
N GLN D 119 17.48 -28.37 4.27
CA GLN D 119 18.49 -28.53 5.32
C GLN D 119 18.62 -29.98 5.78
N PHE D 120 19.77 -30.60 5.51
CA PHE D 120 19.99 -32.00 5.89
C PHE D 120 19.95 -32.18 7.42
N LYS D 121 19.42 -33.31 7.85
CA LYS D 121 19.27 -33.62 9.27
C LYS D 121 20.50 -34.33 9.84
N ASP D 122 20.69 -34.26 11.15
CA ASP D 122 21.68 -35.11 11.81
C ASP D 122 21.42 -36.55 11.37
N VAL D 123 22.49 -37.27 11.07
CA VAL D 123 22.34 -38.64 10.62
C VAL D 123 23.14 -39.60 11.49
N TYR D 124 22.50 -40.67 11.94
CA TYR D 124 23.24 -41.75 12.61
C TYR D 124 23.59 -42.80 11.57
N ALA D 125 24.89 -42.92 11.28
CA ALA D 125 25.35 -43.80 10.21
C ALA D 125 26.36 -44.84 10.70
N LEU D 126 26.15 -46.09 10.31
CA LEU D 126 27.06 -47.17 10.69
C LEU D 126 28.18 -47.30 9.66
N MET D 127 29.38 -47.64 10.14
CA MET D 127 30.51 -47.88 9.24
C MET D 127 30.12 -48.59 7.95
N GLY D 128 30.58 -48.05 6.82
CA GLY D 128 30.48 -48.76 5.56
C GLY D 128 29.35 -48.37 4.62
N GLN D 129 28.37 -47.62 5.11
CA GLN D 129 27.26 -47.22 4.26
C GLN D 129 27.54 -45.91 3.49
N ASN D 130 26.86 -45.76 2.34
CA ASN D 130 26.82 -44.53 1.56
C ASN D 130 25.91 -43.51 2.28
N VAL D 131 26.38 -42.28 2.45
CA VAL D 131 25.59 -41.24 3.12
C VAL D 131 25.36 -40.00 2.24
N THR D 132 24.11 -39.64 2.01
CA THR D 132 23.82 -38.51 1.13
C THR D 132 23.22 -37.30 1.84
N LEU D 133 23.80 -36.14 1.60
CA LEU D 133 23.31 -34.91 2.19
C LEU D 133 22.85 -33.94 1.10
N GLU D 134 21.68 -33.34 1.29
CA GLU D 134 21.15 -32.37 0.35
C GLU D 134 21.18 -30.98 0.93
N CYS D 135 21.50 -30.00 0.07
CA CYS D 135 21.44 -28.59 0.45
C CYS D 135 21.05 -27.71 -0.74
N PHE D 136 20.14 -26.77 -0.52
CA PHE D 136 19.69 -25.91 -1.60
C PHE D 136 19.08 -24.62 -1.09
N ALA D 137 19.39 -23.52 -1.79
CA ALA D 137 18.96 -22.18 -1.40
C ALA D 137 18.16 -21.46 -2.48
N LEU D 138 17.04 -20.86 -2.08
CA LEU D 138 16.37 -19.90 -2.93
C LEU D 138 17.20 -18.63 -2.97
N GLY D 139 16.98 -17.79 -3.99
CA GLY D 139 17.73 -16.56 -4.11
C GLY D 139 17.82 -16.04 -5.54
N ASN D 140 18.05 -14.74 -5.66
CA ASN D 140 18.20 -14.10 -6.94
C ASN D 140 19.28 -13.04 -6.86
N PRO D 141 20.43 -13.28 -7.51
CA PRO D 141 20.70 -14.35 -8.49
C PRO D 141 20.83 -15.75 -7.86
N VAL D 142 20.82 -16.78 -8.72
CA VAL D 142 20.88 -18.16 -8.28
C VAL D 142 22.13 -18.39 -7.44
N PRO D 143 21.94 -18.90 -6.21
CA PRO D 143 23.07 -19.11 -5.30
C PRO D 143 24.00 -20.27 -5.71
N ASP D 144 25.24 -20.18 -5.28
CA ASP D 144 26.20 -21.27 -5.38
C ASP D 144 26.24 -22.04 -4.05
N ILE D 145 26.49 -23.34 -4.12
CA ILE D 145 26.51 -24.18 -2.93
C ILE D 145 27.90 -24.75 -2.67
N ARG D 146 28.33 -24.72 -1.41
CA ARG D 146 29.62 -25.28 -1.04
C ARG D 146 29.52 -26.17 0.19
N TRP D 147 30.43 -27.14 0.27
CA TRP D 147 30.43 -28.09 1.36
C TRP D 147 31.77 -28.11 2.07
N ARG D 148 31.75 -28.26 3.38
CA ARG D 148 32.98 -28.41 4.16
C ARG D 148 32.70 -29.17 5.45
N LYS D 149 33.72 -29.84 5.99
CA LYS D 149 33.62 -30.38 7.34
C LYS D 149 34.19 -29.32 8.28
N VAL D 150 33.54 -29.11 9.42
CA VAL D 150 33.94 -28.02 10.31
C VAL D 150 35.24 -28.32 11.05
N LEU D 151 36.27 -27.52 10.76
CA LEU D 151 37.59 -27.70 11.36
C LEU D 151 38.10 -29.11 11.16
N GLU D 152 38.26 -29.50 9.90
CA GLU D 152 38.71 -30.84 9.55
C GLU D 152 38.54 -31.04 8.05
N PRO D 153 39.39 -31.87 7.44
CA PRO D 153 39.27 -32.17 6.02
C PRO D 153 38.12 -33.10 5.70
N MET D 154 37.48 -32.88 4.56
CA MET D 154 36.42 -33.74 4.08
C MET D 154 36.97 -35.13 3.79
N PRO D 155 36.15 -36.17 4.03
CA PRO D 155 36.46 -37.53 3.59
C PRO D 155 37.00 -37.54 2.15
N SER D 156 37.93 -38.45 1.88
CA SER D 156 38.70 -38.42 0.64
C SER D 156 37.95 -38.94 -0.60
N THR D 157 36.85 -39.65 -0.39
CA THR D 157 36.11 -40.18 -1.53
C THR D 157 34.74 -39.52 -1.70
N ALA D 158 34.47 -38.53 -0.86
CA ALA D 158 33.27 -37.72 -1.00
C ALA D 158 33.12 -37.13 -2.41
N GLU D 159 31.96 -37.34 -3.01
CA GLU D 159 31.61 -36.72 -4.28
C GLU D 159 30.59 -35.59 -4.09
N ILE D 160 30.69 -34.56 -4.94
CA ILE D 160 29.70 -33.49 -4.91
C ILE D 160 29.04 -33.37 -6.28
N SER D 161 27.75 -33.64 -6.34
CA SER D 161 27.04 -33.69 -7.61
C SER D 161 25.81 -32.81 -7.58
N THR D 162 24.97 -32.93 -8.61
CA THR D 162 23.70 -32.20 -8.70
C THR D 162 23.88 -30.69 -8.55
N SER D 163 24.78 -30.13 -9.35
CA SER D 163 24.98 -28.69 -9.38
C SER D 163 25.41 -28.13 -8.02
N GLY D 164 26.10 -28.95 -7.24
CA GLY D 164 26.65 -28.51 -5.96
C GLY D 164 25.77 -28.83 -4.78
N ALA D 165 24.52 -29.21 -5.05
CA ALA D 165 23.51 -29.38 -4.01
C ALA D 165 23.56 -30.71 -3.26
N VAL D 166 24.20 -31.72 -3.84
CA VAL D 166 24.24 -33.06 -3.22
C VAL D 166 25.65 -33.54 -2.88
N LEU D 167 25.87 -33.83 -1.60
CA LEU D 167 27.15 -34.36 -1.11
C LEU D 167 27.00 -35.82 -0.71
N LYS D 168 27.77 -36.70 -1.36
CA LYS D 168 27.73 -38.12 -1.04
C LYS D 168 29.05 -38.62 -0.45
N ILE D 169 28.97 -39.32 0.67
CA ILE D 169 30.14 -39.88 1.34
C ILE D 169 30.12 -41.40 1.23
N PHE D 170 31.20 -41.97 0.73
CA PHE D 170 31.21 -43.40 0.41
C PHE D 170 31.88 -44.28 1.45
N ASN D 171 31.26 -45.44 1.69
CA ASN D 171 31.78 -46.42 2.64
C ASN D 171 32.31 -45.73 3.88
N ILE D 172 31.42 -44.98 4.54
CA ILE D 172 31.81 -44.09 5.61
C ILE D 172 32.61 -44.79 6.71
N GLN D 173 33.56 -44.06 7.28
CA GLN D 173 34.40 -44.56 8.37
C GLN D 173 34.17 -43.73 9.62
N LEU D 174 34.63 -44.21 10.77
CA LEU D 174 34.43 -43.49 12.02
C LEU D 174 35.11 -42.11 12.02
N GLU D 175 36.18 -41.99 11.24
CA GLU D 175 36.87 -40.71 11.09
C GLU D 175 35.92 -39.64 10.56
N ASP D 176 35.09 -40.06 9.61
CA ASP D 176 34.18 -39.16 8.89
C ASP D 176 33.21 -38.44 9.83
N GLU D 177 32.87 -39.06 10.95
CA GLU D 177 31.97 -38.44 11.93
C GLU D 177 32.33 -37.00 12.30
N GLY D 178 31.31 -36.15 12.44
CA GLY D 178 31.52 -34.78 12.85
C GLY D 178 30.43 -33.85 12.38
N ILE D 179 30.64 -32.54 12.55
CA ILE D 179 29.71 -31.53 12.06
C ILE D 179 30.03 -31.15 10.62
N TYR D 180 29.04 -31.25 9.74
CA TYR D 180 29.21 -30.88 8.34
C TYR D 180 28.48 -29.58 8.00
N GLU D 181 29.06 -28.81 7.08
CA GLU D 181 28.50 -27.49 6.79
C GLU D 181 28.17 -27.25 5.33
N CYS D 182 26.96 -26.76 5.09
CA CYS D 182 26.59 -26.30 3.77
C CYS D 182 26.48 -24.79 3.75
N GLU D 183 27.18 -24.16 2.81
CA GLU D 183 27.11 -22.72 2.61
C GLU D 183 26.52 -22.38 1.25
N ALA D 184 25.66 -21.37 1.21
CA ALA D 184 25.07 -20.92 -0.05
C ALA D 184 25.33 -19.44 -0.20
N GLU D 185 25.62 -19.00 -1.41
CA GLU D 185 25.90 -17.59 -1.64
C GLU D 185 25.50 -17.09 -3.02
N ASN D 186 24.91 -15.89 -3.05
CA ASN D 186 24.90 -15.07 -4.25
C ASN D 186 25.45 -13.71 -3.84
N ILE D 187 25.53 -12.77 -4.76
CA ILE D 187 26.13 -11.47 -4.46
C ILE D 187 25.25 -10.62 -3.56
N ARG D 188 24.05 -11.11 -3.28
CA ARG D 188 23.11 -10.38 -2.46
C ARG D 188 23.21 -10.78 -0.99
N GLY D 189 23.75 -11.98 -0.73
CA GLY D 189 23.88 -12.49 0.62
C GLY D 189 24.21 -13.98 0.69
N LYS D 190 24.59 -14.44 1.87
CA LYS D 190 24.95 -15.84 2.05
C LYS D 190 24.21 -16.45 3.23
N ASP D 191 24.30 -17.76 3.35
CA ASP D 191 23.63 -18.48 4.41
C ASP D 191 24.45 -19.73 4.63
N LYS D 192 24.37 -20.32 5.82
CA LYS D 192 24.88 -21.66 6.00
C LYS D 192 24.07 -22.50 6.98
N HIS D 193 24.30 -23.80 6.91
CA HIS D 193 23.60 -24.76 7.73
C HIS D 193 24.55 -25.87 8.11
N GLN D 194 24.58 -26.23 9.39
CA GLN D 194 25.40 -27.34 9.85
C GLN D 194 24.53 -28.42 10.48
N ALA D 195 24.97 -29.66 10.35
CA ALA D 195 24.37 -30.76 11.11
C ALA D 195 25.44 -31.82 11.31
N ARG D 196 25.25 -32.66 12.32
CA ARG D 196 26.23 -33.69 12.65
C ARG D 196 26.00 -34.98 11.88
N ILE D 197 27.10 -35.65 11.54
CA ILE D 197 27.03 -37.02 11.11
C ILE D 197 27.66 -37.90 12.18
N TYR D 198 26.88 -38.86 12.70
CA TYR D 198 27.38 -39.81 13.68
C TYR D 198 27.70 -41.12 12.98
N VAL D 199 28.85 -41.71 13.32
CA VAL D 199 29.21 -43.04 12.82
C VAL D 199 29.43 -44.06 13.94
N GLN D 200 28.94 -45.28 13.75
CA GLN D 200 29.12 -46.35 14.74
C GLN D 200 29.72 -47.60 14.13
N ALA D 201 30.65 -48.20 14.85
CA ALA D 201 31.29 -49.44 14.42
C ALA D 201 30.34 -50.63 14.52
#